data_6O5S
#
_entry.id   6O5S
#
_cell.length_a   125.557
_cell.length_b   125.557
_cell.length_c   130.861
_cell.angle_alpha   90.00
_cell.angle_beta   90.00
_cell.angle_gamma   120.00
#
_symmetry.space_group_name_H-M   'P 31'
#
loop_
_entity.id
_entity.type
_entity.pdbx_description
1 polymer Acetylcholinesterase
2 non-polymer 'O-ETHYLMETHYLPHOSPHONIC ACID ESTER GROUP'
3 non-polymer 4-carbamoyl-1-(3-{2-[(E)-(hydroxyimino)methyl]-1H-imidazol-1-yl}propyl)pyridin-1-ium
4 water water
#
_entity_poly.entity_id   1
_entity_poly.type   'polypeptide(L)'
_entity_poly.pdbx_seq_one_letter_code
;GPLEGREDAELLVTVRGGRLRGIRLKTPGGPVSAFLGIPFAEPPMGPRRFLPPEPKQPWSGVVDATTFQSVCYQYVDTLY
PGFEGTEMWNPNRELSEDCLYLNVWTPYPRPTSPTPVLVWIYGGGFYSGASSLDVYDGRFLVQAERTVLVSMNYRVGAFG
FLALPGSREAPGNVGLLDQRLALQWVQENVAAFGGDPTSVTLFGESAGAASVGMHLLSPPSRGLFHRAVLQSGAPNGPWA
TVGMGEARRRATQLAHLVGCPPGGTGGNDTELVACLRTRPAQVLVNHEWHVLPQESVFRFSFVPVVDGDFLSDTPEALIN
AGDFHGLQVLVGVVKDEGSYFLVYGAPGFSKDNESLISRAEFLAGVRVGVPQVSDLAAEAVVLHYTDWLHPEDPARLREA
LSDVVGDHNVVCPVAQLAGRLAAQGARVYAYVFEHRASTLSWPLWMGVPHGYEIEFIFGIPLDPSRNYTAEEKIFAQRLM
RYWANFARTGDPNEPRDPKAPQWPPYTAGAQQYVSLDLRPLEVRRGLRAQACAFWNRFLPKLLSATDTLD
;
_entity_poly.pdbx_strand_id   A,B
#
loop_
_chem_comp.id
_chem_comp.type
_chem_comp.name
_chem_comp.formula
LND non-polymer 4-carbamoyl-1-(3-{2-[(E)-(hydroxyimino)methyl]-1H-imidazol-1-yl}propyl)pyridin-1-ium 'C13 H16 N5 O2 1'
VX non-polymer 'O-ETHYLMETHYLPHOSPHONIC ACID ESTER GROUP' 'C3 H9 O3 P'
#
# COMPACT_ATOMS: atom_id res chain seq x y z
N GLU A 7 18.83 -0.66 41.65
CA GLU A 7 17.54 -1.27 41.39
C GLU A 7 16.53 -0.97 42.48
N ASP A 8 15.33 -0.63 42.09
CA ASP A 8 14.25 -0.34 43.04
C ASP A 8 13.51 -1.63 43.38
N ALA A 9 12.89 -1.63 44.55
CA ALA A 9 12.22 -2.83 45.05
C ALA A 9 10.86 -3.05 44.41
N GLU A 10 10.27 -2.02 43.79
CA GLU A 10 8.94 -2.12 43.22
C GLU A 10 8.96 -2.45 41.73
N LEU A 11 10.12 -2.71 41.15
CA LEU A 11 10.24 -3.12 39.76
C LEU A 11 10.47 -4.63 39.63
N LEU A 12 10.39 -5.38 40.73
CA LEU A 12 10.54 -6.83 40.72
C LEU A 12 9.27 -7.43 41.30
N VAL A 13 8.51 -8.14 40.47
CA VAL A 13 7.23 -8.71 40.87
C VAL A 13 7.22 -10.19 40.48
N THR A 14 6.69 -11.03 41.36
CA THR A 14 6.55 -12.46 41.12
C THR A 14 5.09 -12.77 40.84
N VAL A 15 4.84 -13.44 39.71
CA VAL A 15 3.49 -13.86 39.35
C VAL A 15 3.44 -15.38 39.34
N ARG A 16 2.29 -15.95 38.97
CA ARG A 16 2.14 -17.40 39.01
C ARG A 16 3.02 -18.12 37.99
N GLY A 17 3.55 -17.40 37.01
CA GLY A 17 4.42 -18.02 36.02
C GLY A 17 5.89 -17.87 36.34
N GLY A 18 6.24 -16.80 37.06
CA GLY A 18 7.63 -16.54 37.39
C GLY A 18 7.81 -15.11 37.86
N ARG A 19 8.97 -14.56 37.55
CA ARG A 19 9.33 -13.22 37.96
C ARG A 19 9.46 -12.31 36.76
N LEU A 20 9.30 -11.01 37.01
CA LEU A 20 9.33 -9.99 35.97
C LEU A 20 10.08 -8.77 36.50
N ARG A 21 10.88 -8.15 35.63
CA ARG A 21 11.52 -6.88 35.94
C ARG A 21 10.83 -5.79 35.13
N GLY A 22 10.25 -4.82 35.83
CA GLY A 22 9.53 -3.74 35.19
C GLY A 22 10.42 -2.55 34.87
N ILE A 23 9.76 -1.43 34.59
CA ILE A 23 10.45 -0.19 34.23
C ILE A 23 9.66 0.97 34.83
N ARG A 24 10.37 2.04 35.19
CA ARG A 24 9.77 3.20 35.83
C ARG A 24 9.60 4.30 34.79
N LEU A 25 8.35 4.55 34.38
CA LEU A 25 8.08 5.61 33.43
C LEU A 25 7.92 6.94 34.17
N LYS A 26 8.02 8.03 33.40
CA LYS A 26 8.03 9.37 33.95
C LYS A 26 6.87 10.17 33.37
N THR A 27 6.07 10.78 34.24
CA THR A 27 4.99 11.68 33.88
C THR A 27 5.29 13.06 34.44
N PRO A 28 4.67 14.11 33.89
CA PRO A 28 4.93 15.47 34.42
C PRO A 28 4.57 15.64 35.89
N GLY A 29 3.80 14.73 36.47
CA GLY A 29 3.38 14.89 37.86
C GLY A 29 3.74 13.73 38.76
N GLY A 30 4.76 12.95 38.39
CA GLY A 30 5.21 11.85 39.21
C GLY A 30 5.54 10.61 38.42
N PRO A 31 6.31 9.71 39.02
CA PRO A 31 6.69 8.47 38.33
C PRO A 31 5.57 7.44 38.37
N VAL A 32 5.79 6.36 37.61
CA VAL A 32 4.83 5.27 37.51
C VAL A 32 5.57 4.03 37.05
N SER A 33 5.17 2.88 37.58
CA SER A 33 5.79 1.61 37.23
C SER A 33 5.02 0.95 36.09
N ALA A 34 5.75 0.30 35.19
CA ALA A 34 5.17 -0.38 34.04
C ALA A 34 5.80 -1.75 33.88
N PHE A 35 4.98 -2.71 33.42
CA PHE A 35 5.42 -4.08 33.16
C PHE A 35 4.96 -4.45 31.75
N LEU A 36 5.75 -4.04 30.75
CA LEU A 36 5.37 -4.15 29.35
C LEU A 36 5.96 -5.42 28.75
N GLY A 37 5.10 -6.26 28.17
CA GLY A 37 5.53 -7.45 27.50
C GLY A 37 5.41 -8.74 28.28
N ILE A 38 4.43 -8.86 29.15
CA ILE A 38 4.25 -10.06 29.97
C ILE A 38 3.60 -11.14 29.11
N PRO A 39 4.23 -12.29 28.91
CA PRO A 39 3.62 -13.37 28.12
C PRO A 39 2.52 -14.05 28.92
N PHE A 40 1.31 -14.06 28.38
CA PHE A 40 0.18 -14.71 29.01
C PHE A 40 -0.30 -15.94 28.24
N ALA A 41 0.44 -16.35 27.22
CA ALA A 41 0.07 -17.53 26.45
C ALA A 41 1.28 -18.02 25.67
N GLU A 42 1.25 -19.30 25.32
CA GLU A 42 2.27 -19.87 24.46
C GLU A 42 2.13 -19.28 23.05
N PRO A 43 3.25 -19.07 22.36
CA PRO A 43 3.20 -18.51 21.01
C PRO A 43 2.38 -19.38 20.08
N PRO A 44 1.31 -18.83 19.50
CA PRO A 44 0.43 -19.62 18.61
C PRO A 44 1.00 -19.75 17.20
N MET A 45 2.16 -20.40 17.11
CA MET A 45 2.86 -20.58 15.84
C MET A 45 2.85 -22.05 15.44
N GLY A 46 3.17 -22.28 14.17
CA GLY A 46 3.26 -23.62 13.64
C GLY A 46 1.96 -24.38 13.70
N PRO A 47 1.96 -25.51 14.41
CA PRO A 47 0.73 -26.32 14.49
C PRO A 47 -0.36 -25.70 15.33
N ARG A 48 -0.06 -24.65 16.10
CA ARG A 48 -1.06 -23.98 16.94
C ARG A 48 -1.65 -22.75 16.29
N ARG A 49 -1.38 -22.53 15.00
CA ARG A 49 -2.04 -21.45 14.28
C ARG A 49 -3.51 -21.78 14.09
N PHE A 50 -4.37 -20.77 14.29
CA PHE A 50 -5.83 -20.82 14.26
C PHE A 50 -6.43 -21.55 15.46
N LEU A 51 -5.62 -22.06 16.38
CA LEU A 51 -6.11 -22.79 17.53
C LEU A 51 -6.30 -21.86 18.73
N PRO A 52 -7.15 -22.23 19.68
CA PRO A 52 -7.32 -21.42 20.89
C PRO A 52 -6.02 -21.30 21.66
N PRO A 53 -5.86 -20.24 22.45
CA PRO A 53 -4.59 -20.03 23.16
C PRO A 53 -4.42 -21.01 24.31
N GLU A 54 -3.17 -21.38 24.55
CA GLU A 54 -2.79 -22.19 25.70
C GLU A 54 -2.09 -21.32 26.75
N PRO A 55 -2.37 -21.54 28.02
CA PRO A 55 -1.73 -20.72 29.06
C PRO A 55 -0.22 -20.84 29.03
N LYS A 56 0.46 -19.72 29.31
CA LYS A 56 1.91 -19.69 29.28
C LYS A 56 2.47 -20.61 30.37
N GLN A 57 3.41 -21.47 29.97
CA GLN A 57 4.07 -22.33 30.93
C GLN A 57 4.96 -21.51 31.86
N PRO A 58 5.13 -21.94 33.10
CA PRO A 58 6.02 -21.20 34.02
C PRO A 58 7.45 -21.18 33.50
N TRP A 59 8.13 -20.07 33.73
CA TRP A 59 9.47 -19.85 33.22
C TRP A 59 10.47 -19.72 34.35
N SER A 60 11.73 -20.07 34.06
CA SER A 60 12.80 -19.90 35.01
C SER A 60 13.51 -18.57 34.79
N GLY A 61 13.99 -17.99 35.89
CA GLY A 61 14.68 -16.72 35.80
C GLY A 61 13.71 -15.55 35.83
N VAL A 62 14.19 -14.42 35.32
CA VAL A 62 13.43 -13.16 35.31
C VAL A 62 13.17 -12.78 33.85
N VAL A 63 11.90 -12.61 33.52
CA VAL A 63 11.51 -12.15 32.18
C VAL A 63 11.63 -10.63 32.14
N ASP A 64 12.28 -10.11 31.10
CA ASP A 64 12.44 -8.67 30.93
C ASP A 64 11.11 -8.07 30.47
N ALA A 65 10.53 -7.21 31.31
CA ALA A 65 9.27 -6.55 30.96
C ALA A 65 9.45 -5.04 30.92
N THR A 66 10.43 -4.57 30.16
CA THR A 66 10.76 -3.16 30.10
C THR A 66 10.40 -2.52 28.76
N THR A 67 9.89 -3.29 27.79
CA THR A 67 9.53 -2.74 26.50
C THR A 67 8.40 -3.56 25.92
N PHE A 68 7.64 -2.94 25.01
CA PHE A 68 6.54 -3.63 24.35
C PHE A 68 7.05 -4.75 23.47
N GLN A 69 6.27 -5.82 23.38
CA GLN A 69 6.64 -6.96 22.57
C GLN A 69 6.12 -6.78 21.14
N SER A 70 6.09 -7.87 20.37
CA SER A 70 5.76 -7.80 18.96
C SER A 70 4.27 -7.58 18.75
N VAL A 71 3.94 -6.97 17.60
CA VAL A 71 2.57 -6.76 17.17
C VAL A 71 2.12 -7.97 16.37
N CYS A 72 0.86 -8.39 16.58
CA CYS A 72 0.33 -9.51 15.83
C CYS A 72 0.28 -9.19 14.35
N TYR A 73 0.46 -10.22 13.52
CA TYR A 73 0.49 -10.03 12.08
C TYR A 73 -0.83 -9.45 11.59
N GLN A 74 -0.75 -8.39 10.80
CA GLN A 74 -1.93 -7.63 10.42
C GLN A 74 -1.63 -6.83 9.16
N TYR A 75 -2.69 -6.48 8.44
CA TYR A 75 -2.56 -5.58 7.31
C TYR A 75 -2.10 -4.21 7.77
N VAL A 76 -1.25 -3.58 6.95
CA VAL A 76 -0.73 -2.24 7.23
C VAL A 76 -1.36 -1.27 6.25
N ASP A 77 -1.94 -0.19 6.77
CA ASP A 77 -2.61 0.78 5.93
C ASP A 77 -1.60 1.55 5.10
N THR A 78 -1.83 1.60 3.78
CA THR A 78 -0.97 2.33 2.86
C THR A 78 -1.76 3.32 2.01
N LEU A 79 -2.94 3.72 2.45
CA LEU A 79 -3.76 4.64 1.67
C LEU A 79 -3.13 6.02 1.60
N TYR A 80 -2.62 6.53 2.72
CA TYR A 80 -1.96 7.83 2.80
C TYR A 80 -0.62 7.65 3.49
N PRO A 81 0.41 7.22 2.77
CA PRO A 81 1.73 7.05 3.38
C PRO A 81 2.29 8.37 3.89
N GLY A 82 2.97 8.31 5.03
CA GLY A 82 3.54 9.50 5.64
C GLY A 82 2.56 10.40 6.33
N PHE A 83 1.28 10.07 6.33
CA PHE A 83 0.26 10.91 6.93
C PHE A 83 0.07 10.53 8.40
N GLU A 84 0.03 11.54 9.27
CA GLU A 84 -0.06 11.26 10.70
C GLU A 84 -1.39 10.62 11.08
N GLY A 85 -2.47 11.00 10.39
CA GLY A 85 -3.78 10.50 10.77
C GLY A 85 -3.94 9.00 10.59
N THR A 86 -3.27 8.43 9.60
CA THR A 86 -3.36 6.99 9.35
C THR A 86 -2.22 6.20 9.96
N GLU A 87 -1.01 6.77 10.01
CA GLU A 87 0.14 6.04 10.53
C GLU A 87 0.16 5.95 12.05
N MET A 88 -0.63 6.78 12.75
CA MET A 88 -0.73 6.66 14.19
C MET A 88 -1.44 5.38 14.63
N TRP A 89 -2.11 4.69 13.71
CA TRP A 89 -2.77 3.43 14.02
C TRP A 89 -2.01 2.22 13.49
N ASN A 90 -0.94 2.43 12.72
CA ASN A 90 -0.13 1.36 12.17
C ASN A 90 0.76 0.76 13.26
N PRO A 91 1.24 -0.47 13.05
CA PRO A 91 2.09 -1.10 14.07
C PRO A 91 3.37 -0.32 14.30
N ASN A 92 3.75 -0.17 15.57
CA ASN A 92 4.98 0.49 15.96
C ASN A 92 6.02 -0.51 16.48
N ARG A 93 5.78 -1.81 16.30
CA ARG A 93 6.74 -2.85 16.62
C ARG A 93 6.81 -3.83 15.45
N GLU A 94 7.66 -4.84 15.57
CA GLU A 94 7.80 -5.82 14.51
C GLU A 94 6.60 -6.76 14.48
N LEU A 95 6.21 -7.15 13.28
CA LEU A 95 5.09 -8.08 13.11
C LEU A 95 5.56 -9.50 13.37
N SER A 96 4.78 -10.25 14.15
CA SER A 96 5.13 -11.62 14.47
C SER A 96 3.88 -12.34 14.97
N GLU A 97 3.81 -13.64 14.69
CA GLU A 97 2.74 -14.46 15.27
C GLU A 97 2.95 -14.66 16.76
N ASP A 98 4.19 -14.55 17.24
CA ASP A 98 4.49 -14.57 18.67
C ASP A 98 4.19 -13.17 19.21
N CYS A 99 2.92 -12.94 19.56
CA CYS A 99 2.48 -11.62 19.96
C CYS A 99 1.56 -11.60 21.18
N LEU A 100 1.21 -12.75 21.76
CA LEU A 100 0.29 -12.80 22.88
C LEU A 100 1.00 -12.34 24.15
N TYR A 101 1.06 -11.02 24.31
CA TYR A 101 1.66 -10.37 25.47
C TYR A 101 0.76 -9.26 25.96
N LEU A 102 0.74 -9.06 27.28
CA LEU A 102 -0.04 -7.99 27.89
C LEU A 102 0.88 -7.04 28.64
N ASN A 103 0.33 -5.90 29.03
CA ASN A 103 1.07 -4.85 29.72
C ASN A 103 0.26 -4.36 30.91
N VAL A 104 0.98 -4.01 31.98
CA VAL A 104 0.36 -3.56 33.23
C VAL A 104 1.04 -2.26 33.67
N TRP A 105 0.23 -1.23 33.92
CA TRP A 105 0.70 -0.01 34.55
C TRP A 105 0.15 0.07 35.97
N THR A 106 1.02 0.45 36.91
CA THR A 106 0.64 0.55 38.31
C THR A 106 1.33 1.77 38.92
N PRO A 107 0.68 2.47 39.84
CA PRO A 107 1.26 3.71 40.38
C PRO A 107 2.48 3.43 41.24
N TYR A 108 3.28 4.48 41.42
CA TYR A 108 4.42 4.45 42.32
C TYR A 108 4.23 5.51 43.40
N PRO A 109 4.25 5.15 44.69
CA PRO A 109 4.48 3.78 45.18
C PRO A 109 3.29 2.86 44.95
N ARG A 110 3.55 1.54 44.96
CA ARG A 110 2.50 0.58 44.70
C ARG A 110 1.38 0.74 45.72
N PRO A 111 0.11 0.69 45.29
CA PRO A 111 -0.99 0.84 46.25
C PRO A 111 -0.98 -0.26 47.29
N THR A 112 -1.05 0.13 48.56
CA THR A 112 -1.12 -0.83 49.65
C THR A 112 -2.51 -1.41 49.84
N SER A 113 -3.53 -0.75 49.28
CA SER A 113 -4.91 -1.23 49.28
C SER A 113 -5.33 -1.66 47.88
N PRO A 114 -6.19 -2.66 47.77
CA PRO A 114 -6.65 -3.10 46.43
C PRO A 114 -7.27 -1.95 45.66
N THR A 115 -6.85 -1.82 44.40
CA THR A 115 -7.21 -0.73 43.52
C THR A 115 -7.98 -1.25 42.30
N PRO A 116 -9.02 -0.55 41.86
CA PRO A 116 -9.74 -0.98 40.66
C PRO A 116 -8.82 -1.12 39.45
N VAL A 117 -9.16 -2.06 38.57
CA VAL A 117 -8.36 -2.40 37.41
C VAL A 117 -9.14 -2.05 36.15
N LEU A 118 -8.44 -1.45 35.18
CA LEU A 118 -9.01 -1.11 33.88
C LEU A 118 -8.32 -1.95 32.81
N VAL A 119 -9.09 -2.75 32.10
CA VAL A 119 -8.59 -3.60 31.03
C VAL A 119 -9.01 -2.99 29.69
N TRP A 120 -8.01 -2.64 28.88
CA TRP A 120 -8.23 -1.98 27.60
C TRP A 120 -8.12 -2.99 26.47
N ILE A 121 -9.09 -2.95 25.55
CA ILE A 121 -9.11 -3.79 24.36
C ILE A 121 -9.10 -2.88 23.14
N TYR A 122 -8.03 -2.92 22.36
CA TYR A 122 -7.90 -2.02 21.23
C TYR A 122 -8.87 -2.41 20.11
N GLY A 123 -9.18 -1.42 19.26
CA GLY A 123 -9.99 -1.64 18.09
C GLY A 123 -9.15 -1.74 16.83
N GLY A 124 -9.84 -1.77 15.70
CA GLY A 124 -9.18 -1.86 14.41
C GLY A 124 -9.85 -2.83 13.46
N GLY A 125 -11.17 -2.93 13.53
CA GLY A 125 -11.94 -3.74 12.61
C GLY A 125 -11.59 -5.22 12.61
N PHE A 126 -11.06 -5.75 13.71
CA PHE A 126 -10.67 -7.14 13.87
C PHE A 126 -9.59 -7.57 12.87
N TYR A 127 -8.97 -6.62 12.17
CA TYR A 127 -7.90 -6.92 11.23
C TYR A 127 -6.57 -6.27 11.57
N SER A 128 -6.53 -5.39 12.57
CA SER A 128 -5.32 -4.65 12.91
C SER A 128 -5.42 -4.20 14.36
N GLY A 129 -4.46 -3.39 14.79
CA GLY A 129 -4.45 -2.86 16.13
C GLY A 129 -3.35 -3.49 16.98
N ALA A 130 -2.91 -2.73 17.98
CA ALA A 130 -1.89 -3.22 18.90
C ALA A 130 -2.00 -2.44 20.21
N SER A 131 -1.60 -3.10 21.29
CA SER A 131 -1.64 -2.47 22.61
C SER A 131 -0.43 -1.59 22.88
N SER A 132 0.47 -1.43 21.91
CA SER A 132 1.70 -0.67 22.10
C SER A 132 1.66 0.69 21.42
N LEU A 133 0.50 1.10 20.90
CA LEU A 133 0.40 2.40 20.26
C LEU A 133 0.57 3.52 21.27
N ASP A 134 1.01 4.68 20.78
CA ASP A 134 1.29 5.80 21.66
C ASP A 134 0.03 6.32 22.34
N VAL A 135 -1.10 6.32 21.62
CA VAL A 135 -2.35 6.81 22.19
C VAL A 135 -2.94 5.88 23.23
N TYR A 136 -2.42 4.65 23.35
CA TYR A 136 -2.86 3.72 24.37
C TYR A 136 -1.93 3.69 25.58
N ASP A 137 -1.02 4.67 25.69
CA ASP A 137 -0.12 4.75 26.82
C ASP A 137 -0.92 5.02 28.09
N GLY A 138 -0.84 4.11 29.06
CA GLY A 138 -1.60 4.26 30.28
C GLY A 138 -0.83 4.89 31.43
N ARG A 139 0.27 5.58 31.13
CA ARG A 139 1.06 6.19 32.19
C ARG A 139 0.39 7.44 32.76
N PHE A 140 -0.46 8.11 31.98
CA PHE A 140 -1.10 9.33 32.46
C PHE A 140 -2.36 9.02 33.25
N LEU A 141 -3.15 8.04 32.81
CA LEU A 141 -4.36 7.67 33.54
C LEU A 141 -4.03 7.02 34.87
N VAL A 142 -2.94 6.26 34.92
CA VAL A 142 -2.55 5.58 36.16
C VAL A 142 -1.98 6.58 37.16
N GLN A 143 -1.23 7.58 36.67
CA GLN A 143 -0.61 8.53 37.58
C GLN A 143 -1.65 9.50 38.16
N ALA A 144 -2.59 9.95 37.34
CA ALA A 144 -3.52 10.99 37.77
C ALA A 144 -4.63 10.43 38.66
N GLU A 145 -5.13 9.23 38.35
CA GLU A 145 -6.25 8.66 39.08
C GLU A 145 -5.87 7.48 39.96
N ARG A 146 -4.59 7.11 39.98
CA ARG A 146 -4.08 6.03 40.84
C ARG A 146 -4.90 4.75 40.68
N THR A 147 -4.99 4.29 39.44
CA THR A 147 -5.66 3.03 39.12
C THR A 147 -4.67 2.11 38.40
N VAL A 148 -5.07 0.86 38.23
CA VAL A 148 -4.27 -0.15 37.55
C VAL A 148 -4.84 -0.35 36.15
N LEU A 149 -4.03 -0.12 35.13
CA LEU A 149 -4.43 -0.30 33.75
C LEU A 149 -3.74 -1.52 33.16
N VAL A 150 -4.52 -2.39 32.52
CA VAL A 150 -4.02 -3.58 31.85
C VAL A 150 -4.47 -3.55 30.40
N SER A 151 -3.58 -3.93 29.50
CA SER A 151 -3.93 -4.03 28.09
C SER A 151 -3.16 -5.18 27.47
N MET A 152 -3.82 -5.91 26.58
CA MET A 152 -3.22 -7.09 25.96
C MET A 152 -3.27 -6.97 24.45
N ASN A 153 -2.50 -7.82 23.78
CA ASN A 153 -2.61 -8.04 22.35
C ASN A 153 -3.45 -9.29 22.11
N TYR A 154 -4.26 -9.26 21.06
CA TYR A 154 -5.02 -10.42 20.64
C TYR A 154 -4.87 -10.59 19.13
N ARG A 155 -4.95 -11.84 18.68
CA ARG A 155 -4.77 -12.14 17.26
C ARG A 155 -5.90 -11.52 16.44
N VAL A 156 -5.52 -10.82 15.38
CA VAL A 156 -6.48 -10.17 14.48
C VAL A 156 -6.38 -10.83 13.11
N GLY A 157 -7.32 -10.45 12.23
CA GLY A 157 -7.30 -10.97 10.88
C GLY A 157 -7.60 -12.46 10.83
N ALA A 158 -7.03 -13.12 9.82
CA ALA A 158 -7.24 -14.55 9.66
C ALA A 158 -6.62 -15.34 10.80
N PHE A 159 -5.51 -14.86 11.36
CA PHE A 159 -4.86 -15.58 12.46
C PHE A 159 -5.70 -15.57 13.72
N GLY A 160 -6.69 -14.69 13.82
CA GLY A 160 -7.49 -14.60 15.02
C GLY A 160 -8.97 -14.85 14.81
N PHE A 161 -9.44 -14.85 13.57
CA PHE A 161 -10.87 -14.99 13.32
C PHE A 161 -11.22 -15.80 12.08
N LEU A 162 -10.27 -16.48 11.45
CA LEU A 162 -10.61 -17.40 10.39
C LEU A 162 -11.33 -18.60 10.99
N ALA A 163 -12.53 -18.90 10.51
CA ALA A 163 -13.38 -19.91 11.10
C ALA A 163 -13.86 -20.88 10.02
N LEU A 164 -13.58 -22.17 10.23
CA LEU A 164 -14.23 -23.25 9.51
C LEU A 164 -15.16 -23.94 10.49
N PRO A 165 -16.42 -23.50 10.59
CA PRO A 165 -17.31 -24.01 11.65
C PRO A 165 -17.51 -25.51 11.54
N GLY A 166 -17.39 -26.18 12.68
CA GLY A 166 -17.53 -27.63 12.74
C GLY A 166 -16.22 -28.32 13.07
N SER A 167 -15.14 -27.90 12.41
CA SER A 167 -13.84 -28.52 12.63
C SER A 167 -13.23 -28.04 13.93
N ARG A 168 -12.22 -28.78 14.40
CA ARG A 168 -11.49 -28.44 15.61
C ARG A 168 -10.12 -27.83 15.32
N GLU A 169 -9.71 -27.78 14.05
CA GLU A 169 -8.45 -27.14 13.69
C GLU A 169 -8.59 -25.65 13.45
N ALA A 170 -9.81 -25.15 13.23
CA ALA A 170 -10.07 -23.72 13.05
C ALA A 170 -11.47 -23.41 13.55
N PRO A 171 -11.67 -23.41 14.88
CA PRO A 171 -13.03 -23.22 15.41
C PRO A 171 -13.55 -21.80 15.28
N GLY A 172 -12.67 -20.81 15.19
CA GLY A 172 -13.09 -19.42 15.13
C GLY A 172 -13.10 -18.77 16.51
N ASN A 173 -13.19 -17.44 16.48
CA ASN A 173 -13.25 -16.60 17.67
C ASN A 173 -12.04 -16.79 18.58
N VAL A 174 -10.92 -17.29 18.04
CA VAL A 174 -9.74 -17.50 18.87
C VAL A 174 -9.16 -16.16 19.31
N GLY A 175 -9.39 -15.09 18.53
CA GLY A 175 -8.97 -13.77 18.97
C GLY A 175 -9.72 -13.31 20.20
N LEU A 176 -11.00 -13.67 20.30
CA LEU A 176 -11.76 -13.40 21.52
C LEU A 176 -11.29 -14.27 22.68
N LEU A 177 -10.85 -15.50 22.39
CA LEU A 177 -10.31 -16.36 23.44
C LEU A 177 -8.96 -15.84 23.95
N ASP A 178 -8.19 -15.18 23.08
CA ASP A 178 -6.97 -14.51 23.55
C ASP A 178 -7.31 -13.44 24.58
N GLN A 179 -8.40 -12.69 24.35
CA GLN A 179 -8.80 -11.66 25.30
C GLN A 179 -9.29 -12.29 26.60
N ARG A 180 -10.04 -13.40 26.51
CA ARG A 180 -10.54 -14.05 27.71
C ARG A 180 -9.40 -14.60 28.56
N LEU A 181 -8.42 -15.24 27.91
CA LEU A 181 -7.28 -15.77 28.65
C LEU A 181 -6.51 -14.65 29.34
N ALA A 182 -6.44 -13.46 28.71
CA ALA A 182 -5.83 -12.32 29.37
C ALA A 182 -6.66 -11.83 30.55
N LEU A 183 -8.00 -12.00 30.48
CA LEU A 183 -8.84 -11.62 31.59
C LEU A 183 -8.67 -12.58 32.76
N GLN A 184 -8.54 -13.88 32.48
CA GLN A 184 -8.25 -14.84 33.54
C GLN A 184 -6.88 -14.57 34.16
N TRP A 185 -5.92 -14.09 33.36
CA TRP A 185 -4.62 -13.72 33.90
C TRP A 185 -4.74 -12.57 34.89
N VAL A 186 -5.62 -11.62 34.60
CA VAL A 186 -5.83 -10.50 35.52
C VAL A 186 -6.43 -10.99 36.83
N GLN A 187 -7.33 -11.97 36.76
CA GLN A 187 -7.94 -12.51 37.98
C GLN A 187 -6.90 -13.21 38.85
N GLU A 188 -5.88 -13.81 38.25
CA GLU A 188 -4.91 -14.61 38.97
C GLU A 188 -3.64 -13.86 39.33
N ASN A 189 -3.42 -12.65 38.79
CA ASN A 189 -2.13 -12.00 38.99
C ASN A 189 -2.19 -10.49 39.22
N VAL A 190 -3.32 -9.82 39.02
CA VAL A 190 -3.32 -8.37 39.16
C VAL A 190 -3.15 -7.94 40.61
N ALA A 191 -3.40 -8.84 41.57
CA ALA A 191 -3.20 -8.50 42.97
C ALA A 191 -1.74 -8.26 43.30
N ALA A 192 -0.84 -8.92 42.56
CA ALA A 192 0.60 -8.71 42.75
C ALA A 192 1.04 -7.30 42.39
N PHE A 193 0.26 -6.60 41.56
CA PHE A 193 0.56 -5.23 41.18
C PHE A 193 -0.25 -4.21 41.98
N GLY A 194 -1.02 -4.66 42.96
CA GLY A 194 -1.85 -3.77 43.73
C GLY A 194 -3.25 -3.57 43.19
N GLY A 195 -3.75 -4.49 42.38
CA GLY A 195 -5.06 -4.37 41.77
C GLY A 195 -6.08 -5.27 42.44
N ASP A 196 -7.35 -4.85 42.35
CA ASP A 196 -8.44 -5.59 42.95
C ASP A 196 -9.11 -6.45 41.90
N PRO A 197 -8.98 -7.78 41.95
CA PRO A 197 -9.65 -8.64 40.96
C PRO A 197 -11.17 -8.68 41.12
N THR A 198 -11.74 -8.00 42.11
CA THR A 198 -13.18 -7.92 42.28
C THR A 198 -13.74 -6.58 41.81
N SER A 199 -12.96 -5.78 41.09
CA SER A 199 -13.37 -4.49 40.57
C SER A 199 -12.64 -4.26 39.24
N VAL A 200 -12.99 -5.08 38.25
CA VAL A 200 -12.39 -5.02 36.93
C VAL A 200 -13.36 -4.35 35.97
N THR A 201 -12.88 -3.34 35.23
CA THR A 201 -13.70 -2.57 34.31
C THR A 201 -13.15 -2.74 32.90
N LEU A 202 -13.85 -3.51 32.08
CA LEU A 202 -13.51 -3.61 30.67
C LEU A 202 -13.90 -2.35 29.92
N PHE A 203 -13.00 -1.86 29.06
CA PHE A 203 -13.35 -0.76 28.19
C PHE A 203 -12.53 -0.86 26.90
N GLY A 204 -13.22 -0.70 25.77
CA GLY A 204 -12.59 -0.76 24.47
C GLY A 204 -13.25 0.21 23.52
N GLU A 205 -12.71 0.28 22.31
CA GLU A 205 -13.17 1.22 21.30
C GLU A 205 -13.33 0.50 19.97
N SER A 206 -14.40 0.85 19.24
CA SER A 206 -14.74 0.23 17.97
C SER A 206 -14.79 -1.28 18.11
N ALA A 207 -13.94 -1.99 17.37
CA ALA A 207 -13.89 -3.44 17.48
C ALA A 207 -13.57 -3.92 18.89
N GLY A 208 -12.89 -3.09 19.69
CA GLY A 208 -12.71 -3.42 21.09
C GLY A 208 -13.99 -3.26 21.88
N ALA A 209 -14.77 -2.22 21.56
CA ALA A 209 -16.08 -2.06 22.20
C ALA A 209 -17.02 -3.20 21.83
N ALA A 210 -16.95 -3.67 20.58
CA ALA A 210 -17.73 -4.83 20.19
C ALA A 210 -17.25 -6.08 20.95
N SER A 211 -15.94 -6.17 21.17
CA SER A 211 -15.40 -7.31 21.93
C SER A 211 -15.87 -7.26 23.38
N VAL A 212 -15.91 -6.06 23.99
CA VAL A 212 -16.42 -5.93 25.35
C VAL A 212 -17.87 -6.38 25.41
N GLY A 213 -18.67 -6.01 24.40
CA GLY A 213 -20.05 -6.43 24.38
C GLY A 213 -20.22 -7.93 24.20
N MET A 214 -19.33 -8.56 23.42
CA MET A 214 -19.45 -9.99 23.22
C MET A 214 -19.06 -10.78 24.47
N HIS A 215 -18.21 -10.20 25.33
CA HIS A 215 -17.90 -10.82 26.61
C HIS A 215 -19.07 -10.73 27.58
N LEU A 216 -19.89 -9.68 27.46
CA LEU A 216 -21.11 -9.59 28.25
C LEU A 216 -22.08 -10.71 27.90
N LEU A 217 -22.13 -11.12 26.64
CA LEU A 217 -23.05 -12.13 26.16
C LEU A 217 -22.49 -13.54 26.24
N SER A 218 -21.22 -13.71 26.64
CA SER A 218 -20.63 -15.03 26.76
C SER A 218 -20.53 -15.39 28.23
N PRO A 219 -21.17 -16.47 28.68
CA PRO A 219 -21.20 -16.80 30.12
C PRO A 219 -19.80 -16.97 30.71
N PRO A 220 -18.89 -17.73 30.08
CA PRO A 220 -17.58 -17.92 30.74
C PRO A 220 -16.79 -16.63 30.91
N SER A 221 -17.03 -15.63 30.07
CA SER A 221 -16.32 -14.36 30.18
C SER A 221 -16.99 -13.38 31.13
N ARG A 222 -18.26 -13.64 31.50
CA ARG A 222 -18.99 -12.69 32.32
C ARG A 222 -18.46 -12.65 33.75
N GLY A 223 -18.03 -13.79 34.29
CA GLY A 223 -17.44 -13.86 35.60
C GLY A 223 -16.05 -13.30 35.75
N LEU A 224 -15.50 -12.64 34.73
CA LEU A 224 -14.15 -12.10 34.82
C LEU A 224 -14.09 -10.59 34.94
N PHE A 225 -15.22 -9.89 34.83
CA PHE A 225 -15.25 -8.44 34.96
C PHE A 225 -16.61 -8.06 35.54
N HIS A 226 -16.74 -6.79 35.92
CA HIS A 226 -17.94 -6.30 36.60
C HIS A 226 -18.54 -5.06 35.98
N ARG A 227 -17.77 -4.26 35.25
CA ARG A 227 -18.29 -3.09 34.55
C ARG A 227 -17.76 -3.07 33.13
N ALA A 228 -18.46 -2.33 32.27
CA ALA A 228 -18.13 -2.30 30.85
C ALA A 228 -18.29 -0.89 30.30
N VAL A 229 -17.38 -0.50 29.42
CA VAL A 229 -17.45 0.77 28.70
C VAL A 229 -17.26 0.46 27.21
N LEU A 230 -18.25 0.83 26.41
CA LEU A 230 -18.25 0.58 24.97
C LEU A 230 -18.16 1.93 24.26
N GLN A 231 -17.05 2.18 23.58
CA GLN A 231 -16.80 3.46 22.91
C GLN A 231 -16.88 3.24 21.40
N SER A 232 -17.90 3.85 20.78
CA SER A 232 -18.06 3.85 19.32
C SER A 232 -18.06 2.43 18.75
N GLY A 233 -18.85 1.56 19.37
CA GLY A 233 -18.94 0.19 18.92
C GLY A 233 -19.90 -0.60 19.78
N ALA A 234 -20.38 -1.70 19.20
CA ALA A 234 -21.36 -2.55 19.87
C ALA A 234 -21.34 -3.92 19.20
N PRO A 235 -21.65 -4.99 19.94
CA PRO A 235 -21.61 -6.33 19.33
C PRO A 235 -22.72 -6.57 18.33
N ASN A 236 -23.82 -5.83 18.40
CA ASN A 236 -24.95 -6.00 17.48
C ASN A 236 -24.78 -5.21 16.19
N GLY A 237 -23.61 -4.61 15.95
CA GLY A 237 -23.35 -3.90 14.73
C GLY A 237 -23.35 -4.81 13.53
N PRO A 238 -23.69 -4.26 12.35
CA PRO A 238 -23.74 -5.09 11.14
C PRO A 238 -22.39 -5.61 10.68
N TRP A 239 -21.29 -5.10 11.25
CA TRP A 239 -19.94 -5.50 10.87
C TRP A 239 -19.27 -6.40 11.90
N ALA A 240 -19.85 -6.54 13.10
CA ALA A 240 -19.15 -7.20 14.19
C ALA A 240 -19.17 -8.72 14.08
N THR A 241 -20.21 -9.29 13.47
CA THR A 241 -20.34 -10.74 13.37
C THR A 241 -20.55 -11.15 11.93
N VAL A 242 -20.54 -12.47 11.70
CA VAL A 242 -20.73 -13.05 10.38
C VAL A 242 -21.38 -14.41 10.56
N GLY A 243 -22.00 -14.91 9.49
CA GLY A 243 -22.68 -16.17 9.56
C GLY A 243 -21.73 -17.36 9.47
N MET A 244 -22.23 -18.51 9.94
CA MET A 244 -21.43 -19.74 9.87
C MET A 244 -21.12 -20.10 8.42
N GLY A 245 -22.08 -19.91 7.52
CA GLY A 245 -21.84 -20.23 6.12
C GLY A 245 -20.93 -19.23 5.43
N GLU A 246 -21.12 -17.95 5.73
CA GLU A 246 -20.26 -16.92 5.14
C GLU A 246 -18.83 -17.03 5.66
N ALA A 247 -18.66 -17.43 6.92
CA ALA A 247 -17.30 -17.61 7.44
C ALA A 247 -16.58 -18.75 6.73
N ARG A 248 -17.33 -19.80 6.35
CA ARG A 248 -16.72 -20.90 5.62
C ARG A 248 -16.34 -20.48 4.21
N ARG A 249 -17.17 -19.64 3.57
CA ARG A 249 -16.86 -19.21 2.21
C ARG A 249 -15.65 -18.28 2.19
N ARG A 250 -15.59 -17.33 3.12
CA ARG A 250 -14.45 -16.42 3.16
C ARG A 250 -13.16 -17.16 3.47
N ALA A 251 -13.23 -18.18 4.34
CA ALA A 251 -12.04 -18.96 4.66
C ALA A 251 -11.61 -19.83 3.49
N THR A 252 -12.58 -20.38 2.75
CA THR A 252 -12.24 -21.26 1.65
C THR A 252 -11.62 -20.49 0.49
N GLN A 253 -12.15 -19.30 0.19
CA GLN A 253 -11.60 -18.51 -0.90
C GLN A 253 -10.21 -17.97 -0.57
N LEU A 254 -9.97 -17.64 0.71
CA LEU A 254 -8.61 -17.26 1.11
C LEU A 254 -7.63 -18.40 0.88
N ALA A 255 -8.05 -19.63 1.17
CA ALA A 255 -7.19 -20.79 0.90
C ALA A 255 -6.97 -20.95 -0.60
N HIS A 256 -8.00 -20.71 -1.41
CA HIS A 256 -7.86 -20.81 -2.86
C HIS A 256 -6.86 -19.80 -3.39
N LEU A 257 -6.87 -18.58 -2.86
CA LEU A 257 -5.97 -17.54 -3.34
C LEU A 257 -4.51 -17.82 -2.99
N VAL A 258 -4.26 -18.61 -1.95
CA VAL A 258 -2.89 -18.93 -1.54
C VAL A 258 -2.49 -20.34 -1.97
N GLY A 259 -3.30 -21.00 -2.79
CA GLY A 259 -2.95 -22.32 -3.30
C GLY A 259 -3.36 -23.48 -2.43
N CYS A 260 -4.47 -23.36 -1.71
CA CYS A 260 -4.97 -24.42 -0.85
C CYS A 260 -6.39 -24.79 -1.23
N PRO A 261 -6.70 -26.08 -1.44
CA PRO A 261 -5.73 -27.18 -1.38
C PRO A 261 -4.94 -27.31 -2.67
N PRO A 262 -3.79 -28.00 -2.63
CA PRO A 262 -3.02 -28.22 -3.86
C PRO A 262 -3.85 -28.94 -4.91
N GLY A 263 -4.03 -28.28 -6.06
CA GLY A 263 -4.89 -28.79 -7.12
C GLY A 263 -4.55 -30.20 -7.58
N GLY A 264 -5.46 -31.14 -7.34
CA GLY A 264 -6.72 -30.85 -6.69
C GLY A 264 -7.05 -31.79 -5.54
N THR A 265 -6.01 -32.35 -4.93
CA THR A 265 -6.21 -33.30 -3.84
C THR A 265 -6.66 -32.58 -2.58
N GLY A 266 -7.58 -33.20 -1.84
CA GLY A 266 -8.08 -32.61 -0.62
C GLY A 266 -9.45 -31.97 -0.77
N GLY A 267 -10.32 -32.16 0.21
CA GLY A 267 -11.65 -31.59 0.16
C GLY A 267 -12.32 -31.45 1.51
N ASN A 268 -11.56 -31.70 2.58
CA ASN A 268 -12.06 -31.60 3.94
C ASN A 268 -11.32 -30.49 4.68
N ASP A 269 -11.87 -30.11 5.83
CA ASP A 269 -11.31 -28.99 6.59
C ASP A 269 -9.94 -29.33 7.17
N THR A 270 -9.66 -30.62 7.41
CA THR A 270 -8.38 -31.00 8.01
C THR A 270 -7.22 -30.69 7.08
N GLU A 271 -7.34 -31.08 5.80
CA GLU A 271 -6.28 -30.79 4.85
C GLU A 271 -6.29 -29.34 4.39
N LEU A 272 -7.42 -28.64 4.50
CA LEU A 272 -7.46 -27.23 4.13
C LEU A 272 -6.72 -26.37 5.16
N VAL A 273 -6.94 -26.63 6.44
CA VAL A 273 -6.23 -25.89 7.48
C VAL A 273 -4.77 -26.30 7.52
N ALA A 274 -4.48 -27.58 7.26
CA ALA A 274 -3.10 -28.04 7.23
C ALA A 274 -2.30 -27.34 6.12
N CYS A 275 -2.96 -27.00 5.02
CA CYS A 275 -2.29 -26.27 3.94
C CYS A 275 -2.09 -24.81 4.32
N LEU A 276 -3.06 -24.22 5.03
CA LEU A 276 -2.93 -22.83 5.45
C LEU A 276 -1.82 -22.65 6.49
N ARG A 277 -1.60 -23.65 7.34
CA ARG A 277 -0.58 -23.53 8.38
C ARG A 277 0.84 -23.54 7.82
N THR A 278 1.03 -24.03 6.59
CA THR A 278 2.34 -24.05 5.98
C THR A 278 2.68 -22.75 5.26
N ARG A 279 1.67 -21.96 4.88
CA ARG A 279 1.93 -20.72 4.18
C ARG A 279 2.54 -19.67 5.11
N PRO A 280 3.43 -18.82 4.60
CA PRO A 280 3.97 -17.74 5.42
C PRO A 280 2.86 -16.79 5.87
N ALA A 281 3.10 -16.12 7.00
CA ALA A 281 2.08 -15.24 7.57
C ALA A 281 1.76 -14.09 6.64
N GLN A 282 2.77 -13.52 5.97
CA GLN A 282 2.53 -12.38 5.10
C GLN A 282 1.69 -12.75 3.89
N VAL A 283 1.76 -14.01 3.44
CA VAL A 283 0.98 -14.43 2.29
C VAL A 283 -0.51 -14.39 2.59
N LEU A 284 -0.92 -14.83 3.78
CA LEU A 284 -2.33 -14.77 4.16
C LEU A 284 -2.80 -13.33 4.30
N VAL A 285 -1.92 -12.42 4.70
CA VAL A 285 -2.32 -11.03 4.90
C VAL A 285 -2.53 -10.33 3.57
N ASN A 286 -1.72 -10.67 2.56
CA ASN A 286 -1.81 -9.99 1.27
C ASN A 286 -3.11 -10.29 0.53
N HIS A 287 -3.83 -11.33 0.92
CA HIS A 287 -5.08 -11.70 0.27
C HIS A 287 -6.28 -11.57 1.19
N GLU A 288 -6.15 -10.81 2.29
CA GLU A 288 -7.24 -10.72 3.25
C GLU A 288 -8.42 -9.92 2.72
N TRP A 289 -8.15 -8.78 2.08
CA TRP A 289 -9.23 -7.95 1.57
C TRP A 289 -9.87 -8.51 0.30
N HIS A 290 -9.27 -9.53 -0.30
CA HIS A 290 -9.77 -10.09 -1.55
C HIS A 290 -10.86 -11.13 -1.36
N VAL A 291 -11.37 -11.31 -0.13
CA VAL A 291 -12.43 -12.27 0.15
C VAL A 291 -13.74 -11.59 0.49
N LEU A 292 -13.77 -10.26 0.57
CA LEU A 292 -15.03 -9.57 0.80
C LEU A 292 -15.96 -9.75 -0.38
N PRO A 293 -17.27 -9.93 -0.15
CA PRO A 293 -18.17 -10.19 -1.28
C PRO A 293 -18.39 -8.97 -2.17
N GLN A 294 -18.55 -7.79 -1.58
CA GLN A 294 -18.88 -6.59 -2.32
C GLN A 294 -17.88 -5.48 -2.01
N GLU A 295 -17.79 -4.52 -2.91
CA GLU A 295 -17.05 -3.29 -2.63
C GLU A 295 -17.83 -2.47 -1.61
N SER A 296 -17.22 -2.22 -0.45
CA SER A 296 -17.93 -1.55 0.62
C SER A 296 -16.93 -0.96 1.60
N VAL A 297 -17.40 0.01 2.37
CA VAL A 297 -16.67 0.54 3.51
C VAL A 297 -17.29 0.00 4.78
N PHE A 298 -16.51 0.01 5.86
CA PHE A 298 -16.96 -0.43 7.18
C PHE A 298 -17.38 -1.91 7.17
N ARG A 299 -16.71 -2.72 6.35
CA ARG A 299 -16.89 -4.16 6.33
C ARG A 299 -15.52 -4.83 6.32
N PHE A 300 -15.39 -5.90 7.09
CA PHE A 300 -14.09 -6.54 7.30
C PHE A 300 -14.20 -8.04 7.06
N SER A 301 -13.08 -8.62 6.62
CA SER A 301 -13.10 -10.00 6.13
C SER A 301 -13.38 -11.00 7.25
N PHE A 302 -12.49 -11.06 8.23
CA PHE A 302 -12.55 -12.07 9.29
C PHE A 302 -12.94 -11.40 10.61
N VAL A 303 -14.18 -11.64 11.04
CA VAL A 303 -14.72 -11.04 12.26
C VAL A 303 -15.22 -12.17 13.15
N PRO A 304 -15.64 -11.91 14.39
CA PRO A 304 -16.23 -12.98 15.21
C PRO A 304 -17.39 -13.66 14.50
N VAL A 305 -17.52 -14.97 14.75
CA VAL A 305 -18.53 -15.80 14.11
C VAL A 305 -19.51 -16.28 15.18
N VAL A 306 -20.79 -16.38 14.80
CA VAL A 306 -21.82 -16.96 15.66
C VAL A 306 -21.75 -18.47 15.53
N ASP A 307 -20.97 -19.10 16.41
CA ASP A 307 -20.66 -20.53 16.31
C ASP A 307 -21.47 -21.39 17.26
N GLY A 308 -22.28 -20.80 18.13
CA GLY A 308 -23.00 -21.56 19.13
C GLY A 308 -22.19 -21.90 20.37
N ASP A 309 -20.88 -21.63 20.37
CA ASP A 309 -20.04 -21.90 21.53
C ASP A 309 -19.79 -20.60 22.29
N PHE A 310 -18.92 -19.74 21.75
CA PHE A 310 -18.67 -18.44 22.38
C PHE A 310 -19.93 -17.59 22.34
N LEU A 311 -20.63 -17.57 21.21
CA LEU A 311 -21.90 -16.87 21.04
C LEU A 311 -22.96 -17.92 20.73
N SER A 312 -23.79 -18.26 21.72
CA SER A 312 -24.82 -19.27 21.53
C SER A 312 -25.84 -18.86 20.49
N ASP A 313 -26.06 -17.56 20.32
CA ASP A 313 -26.98 -17.03 19.32
C ASP A 313 -26.42 -15.73 18.79
N THR A 314 -27.17 -15.07 17.92
CA THR A 314 -26.76 -13.77 17.40
C THR A 314 -26.71 -12.77 18.55
N PRO A 315 -25.80 -11.78 18.46
CA PRO A 315 -25.72 -10.78 19.54
C PRO A 315 -27.03 -10.05 19.79
N GLU A 316 -27.82 -9.79 18.74
CA GLU A 316 -29.12 -9.14 18.94
C GLU A 316 -30.06 -10.02 19.76
N ALA A 317 -30.02 -11.33 19.53
CA ALA A 317 -30.89 -12.23 20.28
C ALA A 317 -30.44 -12.34 21.74
N LEU A 318 -29.13 -12.39 21.99
CA LEU A 318 -28.64 -12.50 23.36
C LEU A 318 -28.90 -11.22 24.15
N ILE A 319 -28.95 -10.07 23.47
CA ILE A 319 -29.22 -8.82 24.17
C ILE A 319 -30.68 -8.73 24.57
N ASN A 320 -31.59 -9.21 23.70
CA ASN A 320 -33.01 -9.11 24.00
C ASN A 320 -33.43 -10.05 25.12
N ALA A 321 -32.89 -11.27 25.13
CA ALA A 321 -33.28 -12.27 26.11
C ALA A 321 -32.20 -12.48 27.17
N GLY A 322 -31.79 -11.42 27.84
CA GLY A 322 -30.73 -11.51 28.82
C GLY A 322 -30.99 -10.62 30.01
N ASP A 323 -30.54 -11.08 31.17
CA ASP A 323 -30.62 -10.30 32.40
C ASP A 323 -29.33 -9.52 32.58
N PHE A 324 -29.47 -8.24 32.96
CA PHE A 324 -28.30 -7.38 33.14
C PHE A 324 -28.39 -6.61 34.45
N HIS A 325 -29.06 -7.17 35.45
CA HIS A 325 -29.14 -6.53 36.75
C HIS A 325 -27.78 -6.54 37.44
N GLY A 326 -27.48 -5.47 38.17
CA GLY A 326 -26.19 -5.37 38.85
C GLY A 326 -25.04 -5.16 37.91
N LEU A 327 -25.23 -4.35 36.87
CA LEU A 327 -24.20 -4.10 35.87
C LEU A 327 -24.25 -2.65 35.45
N GLN A 328 -23.10 -1.97 35.53
CA GLN A 328 -22.98 -0.59 35.09
C GLN A 328 -22.28 -0.56 33.73
N VAL A 329 -22.88 0.11 32.77
CA VAL A 329 -22.36 0.20 31.41
C VAL A 329 -22.28 1.66 31.01
N LEU A 330 -21.17 2.05 30.39
CA LEU A 330 -20.96 3.40 29.89
C LEU A 330 -20.72 3.32 28.39
N VAL A 331 -21.68 3.82 27.61
CA VAL A 331 -21.60 3.77 26.15
C VAL A 331 -21.59 5.20 25.61
N GLY A 332 -21.14 5.33 24.37
CA GLY A 332 -21.08 6.64 23.75
C GLY A 332 -20.48 6.56 22.37
N VAL A 333 -20.59 7.68 21.64
CA VAL A 333 -20.09 7.80 20.28
C VAL A 333 -19.47 9.19 20.12
N VAL A 334 -18.84 9.42 18.98
CA VAL A 334 -18.33 10.73 18.63
C VAL A 334 -19.35 11.42 17.72
N LYS A 335 -19.12 12.71 17.45
CA LYS A 335 -20.10 13.48 16.70
C LYS A 335 -20.21 13.00 15.26
N ASP A 336 -19.07 12.71 14.61
CA ASP A 336 -19.03 12.33 13.19
C ASP A 336 -18.39 10.96 13.08
N GLU A 337 -19.20 9.91 13.26
CA GLU A 337 -18.68 8.55 13.27
C GLU A 337 -18.33 8.05 11.87
N GLY A 338 -19.00 8.56 10.83
CA GLY A 338 -18.85 7.99 9.51
C GLY A 338 -17.87 8.68 8.59
N SER A 339 -17.42 9.88 8.97
CA SER A 339 -16.58 10.66 8.07
C SER A 339 -15.24 9.98 7.80
N TYR A 340 -14.71 9.25 8.78
CA TYR A 340 -13.40 8.63 8.64
C TYR A 340 -13.42 7.53 7.58
N PHE A 341 -14.51 6.78 7.49
CA PHE A 341 -14.58 5.60 6.64
C PHE A 341 -14.93 5.91 5.20
N LEU A 342 -15.25 7.17 4.88
CA LEU A 342 -15.66 7.51 3.52
C LEU A 342 -14.48 7.66 2.56
N VAL A 343 -13.29 7.94 3.07
CA VAL A 343 -12.13 8.14 2.19
C VAL A 343 -11.50 6.79 1.87
N TYR A 344 -12.19 5.71 2.18
CA TYR A 344 -11.68 4.36 1.95
C TYR A 344 -12.50 3.60 0.90
N GLY A 345 -13.19 4.30 0.02
CA GLY A 345 -13.93 3.63 -1.03
C GLY A 345 -15.11 4.40 -1.59
N ALA A 346 -15.64 5.35 -0.82
CA ALA A 346 -16.79 6.11 -1.30
C ALA A 346 -16.37 7.00 -2.46
N PRO A 347 -17.09 6.98 -3.57
CA PRO A 347 -16.67 7.77 -4.74
C PRO A 347 -16.77 9.26 -4.48
N GLY A 348 -15.78 10.00 -4.98
CA GLY A 348 -15.74 11.44 -4.85
C GLY A 348 -15.14 11.96 -3.57
N PHE A 349 -14.74 11.09 -2.65
CA PHE A 349 -14.23 11.50 -1.35
C PHE A 349 -12.71 11.46 -1.35
N SER A 350 -12.09 12.52 -0.83
CA SER A 350 -10.65 12.63 -0.72
C SER A 350 -10.32 13.53 0.46
N LYS A 351 -9.34 13.12 1.26
CA LYS A 351 -8.98 13.92 2.43
C LYS A 351 -8.27 15.22 2.05
N ASP A 352 -7.91 15.40 0.79
CA ASP A 352 -7.12 16.55 0.36
C ASP A 352 -7.96 17.60 -0.36
N ASN A 353 -9.28 17.42 -0.43
CA ASN A 353 -10.18 18.45 -0.93
C ASN A 353 -11.40 18.49 -0.03
N GLU A 354 -12.37 19.34 -0.40
CA GLU A 354 -13.57 19.52 0.42
C GLU A 354 -14.57 18.38 0.27
N SER A 355 -14.35 17.45 -0.66
CA SER A 355 -15.26 16.34 -0.89
C SER A 355 -16.68 16.82 -1.14
N LEU A 356 -16.82 17.75 -2.08
CA LEU A 356 -18.12 18.27 -2.49
C LEU A 356 -18.70 17.33 -3.54
N ILE A 357 -19.38 16.29 -3.07
CA ILE A 357 -19.86 15.24 -3.95
C ILE A 357 -21.15 15.68 -4.66
N SER A 358 -21.39 15.09 -5.82
CA SER A 358 -22.64 15.29 -6.54
C SER A 358 -23.68 14.28 -6.05
N ARG A 359 -24.92 14.47 -6.50
CA ARG A 359 -25.98 13.53 -6.12
C ARG A 359 -25.78 12.16 -6.76
N ALA A 360 -25.19 12.12 -7.95
CA ALA A 360 -24.87 10.83 -8.57
C ALA A 360 -23.88 10.05 -7.72
N GLU A 361 -22.85 10.75 -7.22
CA GLU A 361 -21.89 10.11 -6.32
C GLU A 361 -22.53 9.76 -4.98
N PHE A 362 -23.49 10.56 -4.53
CA PHE A 362 -24.17 10.26 -3.28
C PHE A 362 -25.00 8.98 -3.40
N LEU A 363 -25.68 8.78 -4.53
CA LEU A 363 -26.46 7.57 -4.72
C LEU A 363 -25.59 6.34 -4.81
N ALA A 364 -24.38 6.47 -5.36
CA ALA A 364 -23.43 5.37 -5.41
C ALA A 364 -22.79 5.11 -4.05
N GLY A 365 -22.57 6.16 -3.26
CA GLY A 365 -22.00 5.97 -1.95
C GLY A 365 -22.93 5.28 -0.98
N VAL A 366 -24.25 5.40 -1.19
CA VAL A 366 -25.20 4.71 -0.33
C VAL A 366 -25.08 3.21 -0.53
N ARG A 367 -24.86 2.76 -1.76
CA ARG A 367 -24.67 1.34 -2.04
C ARG A 367 -23.36 0.82 -1.48
N VAL A 368 -22.37 1.68 -1.29
CA VAL A 368 -21.11 1.27 -0.66
C VAL A 368 -21.21 1.36 0.86
N GLY A 369 -21.82 2.43 1.38
CA GLY A 369 -21.95 2.56 2.82
C GLY A 369 -22.94 1.60 3.43
N VAL A 370 -23.98 1.23 2.69
CA VAL A 370 -24.98 0.27 3.16
C VAL A 370 -25.02 -0.91 2.21
N PRO A 371 -24.08 -1.85 2.30
CA PRO A 371 -24.08 -2.98 1.36
C PRO A 371 -25.10 -4.04 1.75
N GLN A 372 -25.35 -4.94 0.80
CA GLN A 372 -26.27 -6.06 0.97
C GLN A 372 -27.68 -5.58 1.32
N VAL A 373 -28.20 -4.66 0.51
CA VAL A 373 -29.57 -4.18 0.63
C VAL A 373 -30.20 -4.14 -0.75
N SER A 374 -31.52 -4.31 -0.78
CA SER A 374 -32.25 -4.27 -2.03
C SER A 374 -32.32 -2.83 -2.55
N ASP A 375 -32.72 -2.70 -3.82
CA ASP A 375 -32.86 -1.38 -4.42
C ASP A 375 -33.93 -0.55 -3.71
N LEU A 376 -34.98 -1.20 -3.21
CA LEU A 376 -36.01 -0.47 -2.49
C LEU A 376 -35.50 0.01 -1.14
N ALA A 377 -34.70 -0.81 -0.45
CA ALA A 377 -34.14 -0.39 0.83
C ALA A 377 -33.19 0.79 0.64
N ALA A 378 -32.43 0.80 -0.45
CA ALA A 378 -31.57 1.94 -0.73
C ALA A 378 -32.38 3.20 -1.03
N GLU A 379 -33.55 3.03 -1.68
CA GLU A 379 -34.42 4.17 -1.92
C GLU A 379 -34.95 4.75 -0.62
N ALA A 380 -35.21 3.90 0.37
CA ALA A 380 -35.67 4.40 1.66
C ALA A 380 -34.57 5.14 2.40
N VAL A 381 -33.31 4.77 2.19
CA VAL A 381 -32.21 5.45 2.86
C VAL A 381 -32.03 6.85 2.28
N VAL A 382 -32.04 6.96 0.95
CA VAL A 382 -31.86 8.27 0.32
C VAL A 382 -33.05 9.19 0.58
N LEU A 383 -34.21 8.63 0.93
CA LEU A 383 -35.36 9.47 1.27
C LEU A 383 -35.18 10.10 2.65
N HIS A 384 -34.75 9.31 3.63
N HIS A 384 -34.75 9.32 3.64
CA HIS A 384 -34.66 9.78 5.00
CA HIS A 384 -34.67 9.82 5.00
C HIS A 384 -33.47 10.71 5.23
C HIS A 384 -33.50 10.77 5.19
N TYR A 385 -32.44 10.64 4.37
CA TYR A 385 -31.23 11.42 4.55
C TYR A 385 -31.05 12.52 3.51
N THR A 386 -32.06 12.80 2.69
CA THR A 386 -31.99 13.88 1.71
C THR A 386 -32.74 15.09 2.24
N ASP A 387 -32.09 16.25 2.22
CA ASP A 387 -32.77 17.53 2.43
C ASP A 387 -33.46 17.88 1.12
N TRP A 388 -34.78 17.67 1.07
CA TRP A 388 -35.52 17.87 -0.16
C TRP A 388 -35.73 19.33 -0.52
N LEU A 389 -35.35 20.25 0.36
CA LEU A 389 -35.27 21.66 -0.01
C LEU A 389 -34.00 21.95 -0.79
N HIS A 390 -32.91 21.22 -0.52
CA HIS A 390 -31.64 21.35 -1.23
C HIS A 390 -31.12 19.96 -1.58
N PRO A 391 -31.79 19.26 -2.48
CA PRO A 391 -31.39 17.88 -2.79
C PRO A 391 -30.11 17.77 -3.61
N GLU A 392 -29.51 18.88 -4.01
CA GLU A 392 -28.30 18.86 -4.82
C GLU A 392 -27.12 19.56 -4.15
N ASP A 393 -27.28 20.06 -2.93
CA ASP A 393 -26.20 20.76 -2.24
C ASP A 393 -25.08 19.79 -1.91
N PRO A 394 -23.87 19.99 -2.44
CA PRO A 394 -22.80 19.01 -2.16
C PRO A 394 -22.42 18.95 -0.70
N ALA A 395 -22.39 20.08 0.01
CA ALA A 395 -22.01 20.08 1.42
C ALA A 395 -22.98 19.29 2.26
N ARG A 396 -24.28 19.38 1.97
CA ARG A 396 -25.27 18.61 2.71
C ARG A 396 -25.28 17.15 2.31
N LEU A 397 -25.03 16.84 1.04
CA LEU A 397 -24.91 15.45 0.62
C LEU A 397 -23.69 14.79 1.26
N ARG A 398 -22.62 15.55 1.44
CA ARG A 398 -21.44 15.02 2.12
C ARG A 398 -21.75 14.68 3.57
N GLU A 399 -22.38 15.61 4.29
CA GLU A 399 -22.79 15.36 5.66
C GLU A 399 -23.81 14.22 5.75
N ALA A 400 -24.68 14.09 4.74
CA ALA A 400 -25.70 13.05 4.77
C ALA A 400 -25.06 11.67 4.68
N LEU A 401 -24.17 11.46 3.71
CA LEU A 401 -23.52 10.17 3.57
C LEU A 401 -22.65 9.84 4.78
N SER A 402 -22.06 10.86 5.40
CA SER A 402 -21.33 10.63 6.64
C SER A 402 -22.26 10.18 7.76
N ASP A 403 -23.46 10.76 7.82
CA ASP A 403 -24.43 10.33 8.82
C ASP A 403 -25.03 8.97 8.48
N VAL A 404 -25.14 8.64 7.19
CA VAL A 404 -25.65 7.33 6.80
C VAL A 404 -24.74 6.22 7.32
N VAL A 405 -23.43 6.35 7.05
CA VAL A 405 -22.49 5.34 7.49
C VAL A 405 -22.36 5.34 9.01
N GLY A 406 -22.40 6.53 9.62
CA GLY A 406 -22.29 6.60 11.07
C GLY A 406 -23.46 6.00 11.80
N ASP A 407 -24.68 6.30 11.33
CA ASP A 407 -25.87 5.77 12.01
C ASP A 407 -26.02 4.28 11.78
N HIS A 408 -25.78 3.81 10.54
CA HIS A 408 -25.99 2.41 10.22
C HIS A 408 -25.00 1.50 10.92
N ASN A 409 -23.78 1.98 11.17
CA ASN A 409 -22.72 1.12 11.67
C ASN A 409 -22.40 1.30 13.15
N VAL A 410 -22.58 2.50 13.70
CA VAL A 410 -22.13 2.77 15.06
C VAL A 410 -23.26 3.29 15.94
N VAL A 411 -23.84 4.44 15.57
CA VAL A 411 -24.71 5.17 16.49
C VAL A 411 -25.97 4.37 16.82
N CYS A 412 -26.64 3.85 15.80
CA CYS A 412 -27.92 3.18 16.04
C CYS A 412 -27.74 1.79 16.66
N PRO A 413 -26.75 0.99 16.27
CA PRO A 413 -26.48 -0.23 17.04
C PRO A 413 -26.10 0.05 18.49
N VAL A 414 -25.48 1.21 18.77
CA VAL A 414 -25.18 1.57 20.15
C VAL A 414 -26.45 1.98 20.88
N ALA A 415 -27.29 2.79 20.23
CA ALA A 415 -28.54 3.22 20.85
C ALA A 415 -29.47 2.03 21.07
N GLN A 416 -29.49 1.08 20.14
CA GLN A 416 -30.26 -0.14 20.32
C GLN A 416 -29.78 -0.91 21.55
N LEU A 417 -28.46 -1.05 21.70
CA LEU A 417 -27.91 -1.77 22.84
C LEU A 417 -28.18 -1.03 24.15
N ALA A 418 -27.97 0.29 24.17
CA ALA A 418 -28.15 1.06 25.40
C ALA A 418 -29.60 1.03 25.86
N GLY A 419 -30.55 1.00 24.93
CA GLY A 419 -31.95 0.94 25.31
C GLY A 419 -32.32 -0.39 25.95
N ARG A 420 -31.84 -1.49 25.38
CA ARG A 420 -32.16 -2.81 25.92
C ARG A 420 -31.43 -3.08 27.23
N LEU A 421 -30.23 -2.50 27.41
CA LEU A 421 -29.50 -2.74 28.65
C LEU A 421 -30.20 -2.05 29.83
N ALA A 422 -30.57 -0.78 29.66
CA ALA A 422 -31.21 -0.03 30.74
C ALA A 422 -32.59 -0.59 31.08
N ALA A 423 -33.33 -1.05 30.09
CA ALA A 423 -34.65 -1.62 30.30
C ALA A 423 -34.61 -3.06 30.79
N GLN A 424 -33.42 -3.61 31.09
CA GLN A 424 -33.36 -4.98 31.58
C GLN A 424 -32.45 -5.14 32.80
N GLY A 425 -32.23 -4.08 33.58
CA GLY A 425 -31.54 -4.16 34.85
C GLY A 425 -30.30 -3.29 34.95
N ALA A 426 -29.60 -3.09 33.83
CA ALA A 426 -28.32 -2.39 33.86
C ALA A 426 -28.50 -0.88 34.01
N ARG A 427 -27.59 -0.25 34.74
CA ARG A 427 -27.52 1.20 34.82
C ARG A 427 -26.58 1.70 33.74
N VAL A 428 -27.11 2.48 32.79
CA VAL A 428 -26.40 2.88 31.59
C VAL A 428 -26.22 4.38 31.59
N TYR A 429 -24.99 4.83 31.27
CA TYR A 429 -24.69 6.23 31.05
C TYR A 429 -24.23 6.41 29.60
N ALA A 430 -24.67 7.49 28.97
CA ALA A 430 -24.40 7.73 27.56
C ALA A 430 -23.76 9.09 27.37
N TYR A 431 -22.93 9.21 26.35
CA TYR A 431 -22.24 10.45 26.03
C TYR A 431 -22.12 10.60 24.52
N VAL A 432 -21.78 11.81 24.09
CA VAL A 432 -21.46 12.11 22.70
C VAL A 432 -20.26 13.05 22.70
N PHE A 433 -19.11 12.56 22.24
CA PHE A 433 -17.88 13.35 22.21
C PHE A 433 -17.95 14.32 21.05
N GLU A 434 -17.86 15.63 21.35
CA GLU A 434 -18.05 16.67 20.35
C GLU A 434 -16.89 17.66 20.28
N HIS A 435 -15.71 17.28 20.76
CA HIS A 435 -14.54 18.16 20.71
C HIS A 435 -13.57 17.69 19.65
N ARG A 436 -13.20 18.59 18.74
CA ARG A 436 -12.19 18.31 17.73
C ARG A 436 -10.84 18.77 18.25
N ALA A 437 -9.89 17.84 18.34
CA ALA A 437 -8.58 18.16 18.88
C ALA A 437 -7.88 19.19 18.01
N SER A 438 -7.16 20.12 18.65
CA SER A 438 -6.45 21.16 17.91
C SER A 438 -5.26 20.62 17.14
N THR A 439 -4.78 19.42 17.47
CA THR A 439 -3.67 18.79 16.78
C THR A 439 -4.15 17.79 15.72
N LEU A 440 -5.44 17.79 15.41
CA LEU A 440 -5.99 16.81 14.48
C LEU A 440 -5.52 17.11 13.06
N SER A 441 -4.95 16.10 12.40
CA SER A 441 -4.39 16.26 11.07
C SER A 441 -5.39 15.97 9.95
N TRP A 442 -6.54 15.38 10.27
CA TRP A 442 -7.55 15.14 9.26
C TRP A 442 -8.21 16.45 8.82
N PRO A 443 -8.82 16.48 7.64
CA PRO A 443 -9.44 17.72 7.16
C PRO A 443 -10.59 18.15 8.06
N LEU A 444 -11.00 19.40 7.89
CA LEU A 444 -11.99 19.99 8.79
C LEU A 444 -13.39 19.44 8.54
N TRP A 445 -13.70 19.05 7.29
CA TRP A 445 -15.05 18.58 6.99
C TRP A 445 -15.38 17.24 7.65
N MET A 446 -14.38 16.55 8.21
CA MET A 446 -14.64 15.32 8.94
C MET A 446 -15.12 15.58 10.36
N GLY A 447 -14.96 16.80 10.87
CA GLY A 447 -15.48 17.14 12.17
C GLY A 447 -14.72 16.40 13.26
N VAL A 448 -15.44 15.65 14.08
CA VAL A 448 -14.83 14.84 15.14
C VAL A 448 -14.85 13.39 14.66
N PRO A 449 -13.79 12.88 14.05
CA PRO A 449 -13.87 11.57 13.41
C PRO A 449 -13.82 10.44 14.42
N HIS A 450 -14.02 9.24 13.89
CA HIS A 450 -14.01 8.03 14.71
C HIS A 450 -12.60 7.76 15.22
N GLY A 451 -12.49 7.52 16.53
CA GLY A 451 -11.24 7.11 17.14
C GLY A 451 -10.46 8.21 17.82
N TYR A 452 -10.88 9.47 17.71
CA TYR A 452 -10.11 10.59 18.22
C TYR A 452 -10.67 11.16 19.52
N GLU A 453 -11.32 10.32 20.31
CA GLU A 453 -11.55 10.61 21.73
C GLU A 453 -10.64 9.80 22.63
N ILE A 454 -9.94 8.81 22.07
CA ILE A 454 -9.07 7.93 22.86
C ILE A 454 -7.92 8.71 23.47
N GLU A 455 -7.34 9.64 22.71
CA GLU A 455 -6.18 10.36 23.20
C GLU A 455 -6.52 11.24 24.40
N PHE A 456 -7.78 11.67 24.52
CA PHE A 456 -8.20 12.45 25.68
C PHE A 456 -8.54 11.56 26.88
N ILE A 457 -9.04 10.35 26.63
CA ILE A 457 -9.34 9.43 27.72
C ILE A 457 -8.05 8.96 28.39
N PHE A 458 -6.99 8.78 27.61
CA PHE A 458 -5.71 8.33 28.13
C PHE A 458 -4.81 9.46 28.58
N GLY A 459 -5.32 10.69 28.61
CA GLY A 459 -4.53 11.81 29.09
C GLY A 459 -3.33 12.15 28.24
N ILE A 460 -3.38 11.85 26.95
CA ILE A 460 -2.26 12.18 26.05
C ILE A 460 -1.94 13.67 26.04
N PRO A 461 -2.92 14.59 26.07
CA PRO A 461 -2.55 16.02 26.11
C PRO A 461 -1.64 16.41 27.27
N LEU A 462 -1.55 15.59 28.32
CA LEU A 462 -0.64 15.89 29.42
C LEU A 462 0.82 15.71 29.01
N ASP A 463 1.09 15.04 27.90
CA ASP A 463 2.45 14.89 27.41
C ASP A 463 2.99 16.25 26.99
N PRO A 464 4.04 16.76 27.62
CA PRO A 464 4.54 18.10 27.26
C PRO A 464 5.14 18.17 25.86
N SER A 465 5.59 17.05 25.30
CA SER A 465 6.19 17.04 23.97
C SER A 465 5.16 17.21 22.86
N ARG A 466 3.88 17.37 23.19
CA ARG A 466 2.82 17.52 22.21
C ARG A 466 2.20 18.90 22.35
N ASN A 467 1.76 19.46 21.21
CA ASN A 467 1.31 20.85 21.15
C ASN A 467 -0.19 20.98 21.42
N TYR A 468 -0.65 20.44 22.54
CA TYR A 468 -2.02 20.63 22.97
C TYR A 468 -2.18 21.96 23.71
N THR A 469 -3.42 22.44 23.76
CA THR A 469 -3.71 23.69 24.45
C THR A 469 -3.97 23.43 25.93
N ALA A 470 -3.97 24.52 26.70
CA ALA A 470 -4.17 24.39 28.14
C ALA A 470 -5.60 23.94 28.46
N GLU A 471 -6.57 24.40 27.67
CA GLU A 471 -7.95 23.99 27.91
C GLU A 471 -8.17 22.52 27.61
N GLU A 472 -7.44 21.98 26.64
CA GLU A 472 -7.56 20.56 26.32
C GLU A 472 -6.92 19.70 27.41
N LYS A 473 -5.90 20.21 28.10
CA LYS A 473 -5.31 19.46 29.20
C LYS A 473 -6.29 19.34 30.37
N ILE A 474 -6.98 20.43 30.70
CA ILE A 474 -8.01 20.37 31.73
C ILE A 474 -9.15 19.47 31.29
N PHE A 475 -9.49 19.52 29.99
CA PHE A 475 -10.52 18.63 29.46
C PHE A 475 -10.11 17.17 29.53
N ALA A 476 -8.81 16.89 29.37
CA ALA A 476 -8.35 15.51 29.47
C ALA A 476 -8.44 14.99 30.90
N GLN A 477 -8.09 15.83 31.88
CA GLN A 477 -8.17 15.41 33.28
C GLN A 477 -9.62 15.20 33.70
N ARG A 478 -10.54 16.01 33.18
CA ARG A 478 -11.95 15.84 33.52
C ARG A 478 -12.49 14.54 32.94
N LEU A 479 -12.06 14.17 31.72
CA LEU A 479 -12.49 12.90 31.14
C LEU A 479 -11.88 11.72 31.88
N MET A 480 -10.62 11.84 32.31
CA MET A 480 -10.01 10.77 33.09
C MET A 480 -10.71 10.59 34.43
N ARG A 481 -11.23 11.67 35.01
CA ARG A 481 -11.99 11.56 36.24
C ARG A 481 -13.29 10.79 36.02
N TYR A 482 -13.97 11.06 34.89
CA TYR A 482 -15.21 10.35 34.59
C TYR A 482 -14.98 8.85 34.46
N TRP A 483 -14.01 8.45 33.64
CA TRP A 483 -13.72 7.04 33.45
C TRP A 483 -13.23 6.38 34.72
N ALA A 484 -12.47 7.11 35.54
CA ALA A 484 -11.99 6.51 36.79
C ALA A 484 -13.12 6.38 37.80
N ASN A 485 -13.95 7.41 37.94
CA ASN A 485 -15.08 7.33 38.87
C ASN A 485 -16.03 6.20 38.49
N PHE A 486 -16.23 5.99 37.19
CA PHE A 486 -17.06 4.86 36.76
C PHE A 486 -16.41 3.53 37.09
N ALA A 487 -15.07 3.48 37.12
CA ALA A 487 -14.39 2.23 37.42
C ALA A 487 -14.50 1.88 38.90
N ARG A 488 -14.40 2.88 39.78
CA ARG A 488 -14.45 2.61 41.22
C ARG A 488 -15.88 2.40 41.69
N THR A 489 -16.77 3.34 41.40
CA THR A 489 -18.10 3.37 41.98
C THR A 489 -19.20 2.93 41.02
N GLY A 490 -18.89 2.72 39.74
CA GLY A 490 -19.94 2.45 38.78
C GLY A 490 -20.78 3.66 38.42
N ASP A 491 -20.35 4.85 38.78
CA ASP A 491 -21.06 6.10 38.53
C ASP A 491 -20.05 7.15 38.10
N PRO A 492 -20.17 7.68 36.88
CA PRO A 492 -19.17 8.67 36.41
C PRO A 492 -19.16 9.95 37.22
N ASN A 493 -20.22 10.26 37.95
CA ASN A 493 -20.25 11.46 38.78
C ASN A 493 -19.36 11.28 40.01
N GLU A 494 -18.85 12.39 40.50
CA GLU A 494 -18.00 12.42 41.68
C GLU A 494 -18.81 12.15 42.94
N PRO A 495 -18.48 11.09 43.66
CA PRO A 495 -19.44 10.70 44.71
C PRO A 495 -19.76 11.79 45.72
N ARG A 496 -18.96 12.86 45.81
CA ARG A 496 -19.20 13.93 46.76
C ARG A 496 -19.27 15.30 46.14
N ASP A 497 -19.27 15.41 44.81
CA ASP A 497 -19.23 16.70 44.13
C ASP A 497 -20.63 17.26 43.96
N PRO A 498 -20.94 18.43 44.54
CA PRO A 498 -22.23 19.07 44.25
C PRO A 498 -22.10 20.26 43.31
N LYS A 499 -20.90 20.82 43.17
CA LYS A 499 -20.70 22.03 42.39
C LYS A 499 -20.73 21.78 40.89
N ALA A 500 -20.44 20.54 40.44
CA ALA A 500 -20.45 20.25 39.02
C ALA A 500 -21.81 19.69 38.59
N PRO A 501 -22.21 19.92 37.34
CA PRO A 501 -23.48 19.35 36.86
C PRO A 501 -23.43 17.84 36.83
N GLN A 502 -24.58 17.22 37.07
CA GLN A 502 -24.67 15.78 37.22
C GLN A 502 -24.90 15.10 35.87
N TRP A 503 -24.41 13.86 35.76
CA TRP A 503 -24.55 13.04 34.58
C TRP A 503 -25.69 12.05 34.79
N PRO A 504 -26.88 12.29 34.24
CA PRO A 504 -28.02 11.42 34.52
C PRO A 504 -27.91 10.11 33.76
N PRO A 505 -28.43 9.02 34.31
CA PRO A 505 -28.39 7.73 33.60
C PRO A 505 -29.23 7.77 32.33
N TYR A 506 -28.96 6.81 31.44
CA TYR A 506 -29.70 6.67 30.20
C TYR A 506 -30.81 5.63 30.41
N THR A 507 -32.05 6.03 30.12
CA THR A 507 -33.19 5.14 30.21
C THR A 507 -33.86 5.02 28.85
N ALA A 508 -34.60 3.92 28.67
CA ALA A 508 -35.27 3.68 27.39
C ALA A 508 -36.38 4.69 27.11
N GLY A 509 -36.86 5.40 28.13
CA GLY A 509 -37.92 6.36 27.94
C GLY A 509 -37.43 7.78 27.77
N ALA A 510 -36.63 8.26 28.73
CA ALA A 510 -36.13 9.64 28.64
C ALA A 510 -34.98 9.74 27.65
N GLN A 511 -34.13 8.72 27.57
CA GLN A 511 -33.02 8.67 26.62
C GLN A 511 -32.09 9.86 26.78
N GLN A 512 -31.62 10.06 28.00
CA GLN A 512 -30.77 11.20 28.33
C GLN A 512 -29.30 10.84 28.15
N TYR A 513 -28.54 11.79 27.61
CA TYR A 513 -27.09 11.68 27.47
C TYR A 513 -26.48 13.05 27.67
N VAL A 514 -25.16 13.08 27.80
CA VAL A 514 -24.43 14.32 28.01
C VAL A 514 -23.46 14.52 26.85
N SER A 515 -23.08 15.77 26.63
CA SER A 515 -22.11 16.13 25.61
C SER A 515 -20.77 16.40 26.26
N LEU A 516 -19.72 15.77 25.75
CA LEU A 516 -18.36 15.96 26.25
C LEU A 516 -17.67 17.00 25.38
N ASP A 517 -17.35 18.14 25.98
CA ASP A 517 -16.79 19.27 25.24
C ASP A 517 -15.93 20.09 26.19
N LEU A 518 -15.35 21.17 25.67
CA LEU A 518 -14.64 22.11 26.53
C LEU A 518 -15.60 22.84 27.45
N ARG A 519 -16.87 22.95 27.06
CA ARG A 519 -17.90 23.52 27.91
C ARG A 519 -18.34 22.50 28.95
N PRO A 520 -18.97 22.94 30.05
CA PRO A 520 -19.45 22.00 31.06
C PRO A 520 -20.48 21.03 30.53
N LEU A 521 -20.91 20.08 31.36
CA LEU A 521 -21.85 19.05 30.92
C LEU A 521 -23.17 19.67 30.52
N GLU A 522 -23.74 19.15 29.42
CA GLU A 522 -25.04 19.57 28.92
C GLU A 522 -25.87 18.32 28.65
N VAL A 523 -26.99 18.19 29.35
CA VAL A 523 -27.84 17.02 29.20
C VAL A 523 -28.74 17.20 27.99
N ARG A 524 -28.78 16.18 27.14
CA ARG A 524 -29.64 16.16 25.95
C ARG A 524 -30.47 14.88 25.98
N ARG A 525 -31.38 14.76 25.02
CA ARG A 525 -32.28 13.61 24.96
C ARG A 525 -32.37 13.10 23.53
N GLY A 526 -32.32 11.78 23.39
CA GLY A 526 -32.43 11.14 22.08
C GLY A 526 -31.11 10.98 21.38
N LEU A 527 -30.60 9.74 21.35
CA LEU A 527 -29.38 9.41 20.59
C LEU A 527 -29.76 9.19 19.12
N ARG A 528 -30.04 10.30 18.45
CA ARG A 528 -30.54 10.29 17.07
C ARG A 528 -31.77 9.38 16.96
N ALA A 529 -32.77 9.69 17.78
CA ALA A 529 -33.93 8.82 17.90
C ALA A 529 -34.72 8.74 16.59
N GLN A 530 -34.84 9.87 15.89
CA GLN A 530 -35.64 9.87 14.67
C GLN A 530 -34.96 9.09 13.55
N ALA A 531 -33.64 9.24 13.41
CA ALA A 531 -32.91 8.54 12.37
C ALA A 531 -32.73 7.07 12.69
N CYS A 532 -32.54 6.73 13.97
CA CYS A 532 -32.29 5.34 14.33
C CYS A 532 -33.55 4.50 14.36
N ALA A 533 -34.73 5.13 14.46
CA ALA A 533 -35.98 4.38 14.33
C ALA A 533 -36.11 3.78 12.94
N PHE A 534 -35.52 4.42 11.93
CA PHE A 534 -35.54 3.86 10.58
C PHE A 534 -34.66 2.62 10.49
N TRP A 535 -33.50 2.64 11.14
CA TRP A 535 -32.57 1.52 11.05
C TRP A 535 -32.99 0.35 11.93
N ASN A 536 -33.51 0.64 13.13
CA ASN A 536 -33.77 -0.42 14.11
C ASN A 536 -35.18 -0.99 14.02
N ARG A 537 -36.13 -0.26 13.43
CA ARG A 537 -37.52 -0.70 13.40
C ARG A 537 -38.02 -1.03 12.00
N PHE A 538 -37.91 -0.08 11.06
CA PHE A 538 -38.53 -0.21 9.75
C PHE A 538 -37.68 -1.02 8.76
N LEU A 539 -36.39 -0.72 8.67
CA LEU A 539 -35.56 -1.41 7.70
C LEU A 539 -35.51 -2.92 7.90
N PRO A 540 -35.51 -3.47 9.12
CA PRO A 540 -35.65 -4.93 9.26
C PRO A 540 -36.92 -5.46 8.62
N LYS A 541 -38.04 -4.76 8.77
CA LYS A 541 -39.29 -5.17 8.13
C LYS A 541 -39.30 -4.91 6.63
N LEU A 542 -38.52 -3.95 6.15
CA LEU A 542 -38.43 -3.71 4.72
C LEU A 542 -37.64 -4.78 4.00
N LEU A 543 -36.75 -5.48 4.71
CA LEU A 543 -36.00 -6.58 4.13
C LEU A 543 -36.72 -7.92 4.27
N SER A 544 -37.60 -8.06 5.27
CA SER A 544 -38.37 -9.29 5.42
C SER A 544 -39.28 -9.53 4.22
N ALA A 545 -39.85 -8.46 3.67
CA ALA A 545 -40.62 -8.51 2.44
C ALA A 545 -39.72 -8.02 1.32
N THR A 546 -39.20 -8.95 0.52
CA THR A 546 -38.25 -8.62 -0.54
C THR A 546 -38.85 -7.71 -1.60
N GLU B 7 47.31 7.29 -0.88
CA GLU B 7 46.15 7.96 -1.44
C GLU B 7 46.06 7.74 -2.96
N ASP B 8 44.91 7.28 -3.41
CA ASP B 8 44.69 7.06 -4.84
C ASP B 8 44.38 8.40 -5.53
N ALA B 9 45.09 8.67 -6.61
CA ALA B 9 44.90 9.91 -7.35
C ALA B 9 43.80 9.84 -8.40
N GLU B 10 43.37 8.64 -8.78
CA GLU B 10 42.32 8.49 -9.78
C GLU B 10 40.92 8.58 -9.19
N LEU B 11 40.79 8.86 -7.89
CA LEU B 11 39.49 9.09 -7.27
C LEU B 11 39.17 10.57 -7.12
N LEU B 12 40.00 11.44 -7.71
CA LEU B 12 39.78 12.88 -7.69
C LEU B 12 39.75 13.36 -9.13
N VAL B 13 38.58 13.82 -9.59
CA VAL B 13 38.37 14.23 -10.96
C VAL B 13 37.77 15.62 -10.98
N THR B 14 38.23 16.46 -11.91
CA THR B 14 37.72 17.81 -12.09
C THR B 14 36.87 17.85 -13.36
N VAL B 15 35.63 18.33 -13.21
CA VAL B 15 34.73 18.52 -14.35
C VAL B 15 34.46 20.01 -14.51
N ARG B 16 33.60 20.37 -15.47
CA ARG B 16 33.34 21.77 -15.75
C ARG B 16 32.64 22.49 -14.61
N GLY B 17 32.04 21.76 -13.67
CA GLY B 17 31.39 22.39 -12.55
C GLY B 17 32.26 22.49 -11.32
N GLY B 18 33.20 21.56 -11.18
CA GLY B 18 34.05 21.56 -10.00
C GLY B 18 34.82 20.26 -9.88
N ARG B 19 35.20 19.93 -8.64
CA ARG B 19 35.94 18.72 -8.34
C ARG B 19 35.05 17.70 -7.67
N LEU B 20 35.37 16.42 -7.86
CA LEU B 20 34.61 15.31 -7.33
C LEU B 20 35.56 14.30 -6.71
N ARG B 21 35.14 13.72 -5.59
CA ARG B 21 35.88 12.62 -4.97
C ARG B 21 35.07 11.34 -5.16
N GLY B 22 35.67 10.37 -5.86
CA GLY B 22 35.02 9.11 -6.12
C GLY B 22 35.31 8.07 -5.05
N ILE B 23 34.92 6.83 -5.35
CA ILE B 23 35.13 5.70 -4.46
C ILE B 23 35.47 4.49 -5.32
N ARG B 24 36.33 3.63 -4.78
CA ARG B 24 36.78 2.44 -5.49
C ARG B 24 36.01 1.22 -4.99
N LEU B 25 35.21 0.63 -5.86
CA LEU B 25 34.40 -0.52 -5.52
C LEU B 25 35.13 -1.81 -5.86
N LYS B 26 34.70 -2.90 -5.23
CA LYS B 26 35.36 -4.19 -5.35
C LYS B 26 34.51 -5.13 -6.21
N THR B 27 35.17 -5.80 -7.17
CA THR B 27 34.60 -6.88 -7.95
C THR B 27 35.50 -8.11 -7.81
N PRO B 28 34.97 -9.31 -7.99
CA PRO B 28 35.81 -10.51 -7.87
C PRO B 28 36.97 -10.57 -8.86
N GLY B 29 37.01 -9.68 -9.86
CA GLY B 29 38.06 -9.72 -10.85
C GLY B 29 38.92 -8.47 -10.90
N GLY B 30 38.69 -7.53 -9.97
CA GLY B 30 39.48 -6.32 -9.94
C GLY B 30 38.69 -5.12 -9.44
N PRO B 31 39.40 -4.04 -9.13
CA PRO B 31 38.72 -2.84 -8.63
C PRO B 31 38.16 -1.99 -9.74
N VAL B 32 37.21 -1.13 -9.37
CA VAL B 32 36.55 -0.22 -10.29
C VAL B 32 36.29 1.09 -9.57
N SER B 33 36.57 2.21 -10.25
CA SER B 33 36.30 3.53 -9.71
C SER B 33 34.88 3.95 -10.02
N ALA B 34 34.19 4.50 -9.02
CA ALA B 34 32.81 4.95 -9.15
C ALA B 34 32.66 6.37 -8.66
N PHE B 35 31.81 7.13 -9.35
CA PHE B 35 31.52 8.54 -9.00
C PHE B 35 30.00 8.67 -8.91
N LEU B 36 29.45 8.32 -7.75
CA LEU B 36 28.00 8.21 -7.55
C LEU B 36 27.47 9.49 -6.93
N GLY B 37 26.42 10.05 -7.54
CA GLY B 37 25.77 11.22 -7.00
C GLY B 37 26.26 12.54 -7.54
N ILE B 38 26.65 12.60 -8.81
CA ILE B 38 27.14 13.83 -9.43
C ILE B 38 25.95 14.70 -9.80
N PRO B 39 25.82 15.90 -9.25
CA PRO B 39 24.69 16.77 -9.63
C PRO B 39 24.90 17.34 -11.03
N PHE B 40 23.91 17.13 -11.88
CA PHE B 40 23.95 17.65 -13.25
C PHE B 40 22.86 18.69 -13.50
N ALA B 41 22.13 19.10 -12.47
CA ALA B 41 21.08 20.10 -12.62
C ALA B 41 20.74 20.68 -11.26
N GLU B 42 20.25 21.91 -11.29
CA GLU B 42 19.77 22.54 -10.06
C GLU B 42 18.53 21.80 -9.56
N PRO B 43 18.37 21.71 -8.23
CA PRO B 43 17.22 21.00 -7.66
C PRO B 43 15.91 21.60 -8.12
N PRO B 44 15.06 20.80 -8.78
CA PRO B 44 13.75 21.31 -9.27
C PRO B 44 12.70 21.33 -8.17
N MET B 45 12.90 22.25 -7.22
CA MET B 45 12.00 22.39 -6.09
C MET B 45 11.39 23.78 -6.09
N GLY B 46 10.35 23.95 -5.26
CA GLY B 46 9.67 25.20 -5.12
C GLY B 46 9.06 25.69 -6.43
N PRO B 47 9.49 26.86 -6.89
CA PRO B 47 8.98 27.39 -8.16
C PRO B 47 9.48 26.65 -9.38
N ARG B 48 10.49 25.79 -9.24
CA ARG B 48 11.02 25.02 -10.37
C ARG B 48 10.30 23.71 -10.59
N ARG B 49 9.32 23.37 -9.74
CA ARG B 49 8.55 22.14 -9.95
C ARG B 49 7.76 22.24 -11.24
N PHE B 50 7.80 21.16 -12.03
CA PHE B 50 7.18 20.98 -13.35
C PHE B 50 7.91 21.74 -14.46
N LEU B 51 8.98 22.48 -14.15
CA LEU B 51 9.72 23.23 -15.14
C LEU B 51 10.85 22.40 -15.72
N PRO B 52 11.31 22.75 -16.92
CA PRO B 52 12.50 22.07 -17.50
C PRO B 52 13.72 22.24 -16.63
N PRO B 53 14.69 21.33 -16.69
CA PRO B 53 15.84 21.43 -15.79
C PRO B 53 16.79 22.55 -16.20
N GLU B 54 17.44 23.13 -15.18
CA GLU B 54 18.49 24.10 -15.37
C GLU B 54 19.85 23.48 -15.06
N PRO B 55 20.88 23.78 -15.85
CA PRO B 55 22.19 23.16 -15.61
C PRO B 55 22.75 23.52 -14.25
N LYS B 56 23.44 22.57 -13.63
CA LYS B 56 24.02 22.79 -12.31
C LYS B 56 25.11 23.86 -12.40
N GLN B 57 24.95 24.92 -11.62
CA GLN B 57 25.94 25.98 -11.59
C GLN B 57 27.21 25.50 -10.87
N PRO B 58 28.37 26.01 -11.27
CA PRO B 58 29.62 25.50 -10.71
C PRO B 58 29.70 25.70 -9.20
N TRP B 59 30.39 24.77 -8.55
CA TRP B 59 30.49 24.73 -7.09
C TRP B 59 31.94 24.88 -6.67
N SER B 60 32.15 25.45 -5.48
CA SER B 60 33.47 25.53 -4.90
C SER B 60 33.70 24.34 -3.96
N GLY B 61 34.96 23.98 -3.78
CA GLY B 61 35.28 22.84 -2.95
C GLY B 61 35.23 21.53 -3.72
N VAL B 62 35.00 20.44 -2.99
CA VAL B 62 34.94 19.10 -3.56
C VAL B 62 33.60 18.47 -3.21
N VAL B 63 32.86 18.05 -4.24
CA VAL B 63 31.60 17.36 -4.02
C VAL B 63 31.88 15.88 -3.76
N ASP B 64 31.28 15.35 -2.69
CA ASP B 64 31.46 13.96 -2.34
C ASP B 64 30.63 13.08 -3.27
N ALA B 65 31.31 12.25 -4.06
CA ALA B 65 30.62 11.34 -4.98
C ALA B 65 30.89 9.89 -4.59
N THR B 66 30.67 9.55 -3.33
CA THR B 66 30.97 8.23 -2.81
C THR B 66 29.74 7.41 -2.48
N THR B 67 28.54 7.94 -2.72
CA THR B 67 27.32 7.21 -2.42
C THR B 67 26.21 7.73 -3.33
N PHE B 68 25.19 6.89 -3.51
CA PHE B 68 24.04 7.27 -4.33
C PHE B 68 23.25 8.39 -3.66
N GLN B 69 22.71 9.28 -4.46
CA GLN B 69 21.92 10.39 -3.95
C GLN B 69 20.46 9.97 -3.81
N SER B 70 19.57 10.94 -3.63
CA SER B 70 18.18 10.65 -3.33
C SER B 70 17.44 10.14 -4.57
N VAL B 71 16.35 9.41 -4.32
CA VAL B 71 15.46 8.92 -5.36
C VAL B 71 14.36 9.95 -5.59
N CYS B 72 14.01 10.17 -6.86
CA CYS B 72 12.92 11.09 -7.17
C CYS B 72 11.61 10.58 -6.57
N TYR B 73 10.73 11.53 -6.23
CA TYR B 73 9.47 11.18 -5.60
C TYR B 73 8.63 10.32 -6.53
N GLN B 74 8.06 9.25 -5.98
CA GLN B 74 7.37 8.26 -6.80
C GLN B 74 6.49 7.40 -5.92
N TYR B 75 5.48 6.80 -6.55
CA TYR B 75 4.66 5.80 -5.87
C TYR B 75 5.50 4.58 -5.53
N VAL B 76 5.19 3.97 -4.39
CA VAL B 76 5.90 2.78 -3.91
C VAL B 76 4.93 1.60 -3.96
N ASP B 77 5.36 0.51 -4.59
CA ASP B 77 4.52 -0.66 -4.74
C ASP B 77 4.30 -1.33 -3.38
N THR B 78 3.03 -1.48 -3.00
CA THR B 78 2.66 -2.15 -1.76
C THR B 78 1.73 -3.33 -2.00
N LEU B 79 1.75 -3.92 -3.20
CA LEU B 79 0.86 -5.03 -3.50
C LEU B 79 1.28 -6.29 -2.77
N TYR B 80 2.58 -6.58 -2.72
CA TYR B 80 3.13 -7.73 -2.00
C TYR B 80 4.25 -7.23 -1.10
N PRO B 81 3.91 -6.75 0.10
CA PRO B 81 4.95 -6.26 1.01
C PRO B 81 5.90 -7.36 1.42
N GLY B 82 7.20 -7.02 1.46
CA GLY B 82 8.21 -7.98 1.85
C GLY B 82 8.54 -9.03 0.82
N PHE B 83 7.98 -8.93 -0.38
CA PHE B 83 8.23 -9.90 -1.44
C PHE B 83 9.40 -9.43 -2.29
N GLU B 84 10.40 -10.30 -2.46
CA GLU B 84 11.61 -9.93 -3.18
C GLU B 84 11.31 -9.50 -4.61
N GLY B 85 10.32 -10.12 -5.25
CA GLY B 85 10.06 -9.85 -6.65
C GLY B 85 9.64 -8.42 -6.93
N THR B 86 9.03 -7.76 -5.95
CA THR B 86 8.58 -6.38 -6.11
C THR B 86 9.39 -5.38 -5.28
N GLU B 87 9.95 -5.80 -4.14
CA GLU B 87 10.76 -4.90 -3.35
C GLU B 87 12.03 -4.49 -4.08
N MET B 88 12.54 -5.34 -4.97
CA MET B 88 13.77 -5.05 -5.69
C MET B 88 13.64 -3.87 -6.65
N TRP B 89 12.43 -3.41 -6.92
CA TRP B 89 12.22 -2.25 -7.77
C TRP B 89 11.83 -0.99 -6.99
N ASN B 90 11.59 -1.11 -5.69
CA ASN B 90 11.23 0.02 -4.86
C ASN B 90 12.46 0.87 -4.54
N PRO B 91 12.26 2.14 -4.17
CA PRO B 91 13.41 3.01 -3.89
C PRO B 91 14.24 2.49 -2.73
N ASN B 92 15.57 2.55 -2.90
CA ASN B 92 16.51 2.14 -1.86
C ASN B 92 17.19 3.34 -1.21
N ARG B 93 16.78 4.56 -1.55
CA ARG B 93 17.26 5.77 -0.91
C ARG B 93 16.07 6.64 -0.51
N GLU B 94 16.36 7.72 0.20
CA GLU B 94 15.32 8.63 0.65
C GLU B 94 14.65 9.31 -0.55
N LEU B 95 13.34 9.49 -0.46
CA LEU B 95 12.61 10.18 -1.51
C LEU B 95 12.76 11.68 -1.36
N SER B 96 13.03 12.36 -2.47
CA SER B 96 13.21 13.81 -2.46
C SER B 96 13.07 14.34 -3.88
N GLU B 97 12.56 15.57 -3.99
CA GLU B 97 12.57 16.24 -5.29
C GLU B 97 13.97 16.65 -5.70
N ASP B 98 14.89 16.79 -4.74
CA ASP B 98 16.31 16.98 -5.01
C ASP B 98 16.90 15.62 -5.39
N CYS B 99 16.76 15.29 -6.67
CA CYS B 99 17.13 13.95 -7.13
C CYS B 99 17.88 13.92 -8.45
N LEU B 100 18.08 15.05 -9.12
CA LEU B 100 18.73 15.08 -10.43
C LEU B 100 20.23 14.85 -10.24
N TYR B 101 20.62 13.58 -10.16
CA TYR B 101 22.01 13.20 -10.01
C TYR B 101 22.29 12.01 -10.91
N LEU B 102 23.51 11.96 -11.45
CA LEU B 102 23.95 10.86 -12.29
C LEU B 102 25.14 10.16 -11.64
N ASN B 103 25.47 8.99 -12.20
CA ASN B 103 26.55 8.16 -11.68
C ASN B 103 27.44 7.72 -12.82
N VAL B 104 28.73 7.60 -12.53
CA VAL B 104 29.73 7.22 -13.53
C VAL B 104 30.58 6.07 -12.97
N TRP B 105 30.68 4.99 -13.73
CA TRP B 105 31.59 3.89 -13.42
C TRP B 105 32.70 3.88 -14.46
N THR B 106 33.95 3.76 -14.00
CA THR B 106 35.11 3.76 -14.87
C THR B 106 36.11 2.75 -14.35
N PRO B 107 36.85 2.08 -15.24
CA PRO B 107 37.78 1.03 -14.80
C PRO B 107 38.98 1.61 -14.08
N TYR B 108 39.70 0.72 -13.40
CA TYR B 108 40.96 1.06 -12.72
C TYR B 108 41.99 0.05 -13.18
N PRO B 109 43.10 0.48 -13.81
CA PRO B 109 43.48 1.87 -14.05
C PRO B 109 42.60 2.57 -15.10
N ARG B 110 42.47 3.88 -14.98
CA ARG B 110 41.65 4.65 -15.89
C ARG B 110 42.17 4.46 -17.32
N PRO B 111 41.28 4.22 -18.29
CA PRO B 111 41.75 4.00 -19.67
C PRO B 111 42.46 5.24 -20.21
N THR B 112 43.68 5.03 -20.72
CA THR B 112 44.46 6.11 -21.31
C THR B 112 43.99 6.44 -22.73
N SER B 113 43.15 5.60 -23.33
CA SER B 113 42.57 5.83 -24.63
C SER B 113 41.06 6.07 -24.50
N PRO B 114 40.47 6.86 -25.39
CA PRO B 114 39.03 7.08 -25.33
C PRO B 114 38.25 5.78 -25.45
N THR B 115 37.37 5.54 -24.47
CA THR B 115 36.58 4.34 -24.33
C THR B 115 35.11 4.62 -24.62
N PRO B 116 34.41 3.72 -25.33
CA PRO B 116 32.99 3.92 -25.56
C PRO B 116 32.20 3.98 -24.25
N VAL B 117 31.12 4.76 -24.27
CA VAL B 117 30.34 5.06 -23.09
C VAL B 117 28.94 4.49 -23.25
N LEU B 118 28.48 3.75 -22.25
CA LEU B 118 27.10 3.26 -22.18
C LEU B 118 26.31 4.12 -21.21
N VAL B 119 25.13 4.58 -21.64
CA VAL B 119 24.26 5.42 -20.83
C VAL B 119 22.96 4.66 -20.58
N TRP B 120 22.69 4.37 -19.32
CA TRP B 120 21.53 3.57 -18.93
C TRP B 120 20.39 4.48 -18.48
N ILE B 121 19.19 4.17 -18.96
CA ILE B 121 17.97 4.88 -18.56
C ILE B 121 17.01 3.84 -17.97
N TYR B 122 16.72 3.95 -16.68
CA TYR B 122 15.88 2.96 -16.02
C TYR B 122 14.43 3.08 -16.48
N GLY B 123 13.69 1.99 -16.29
CA GLY B 123 12.28 1.96 -16.58
C GLY B 123 11.43 2.03 -15.32
N GLY B 124 10.13 1.85 -15.51
CA GLY B 124 9.20 1.90 -14.40
C GLY B 124 7.92 2.64 -14.72
N GLY B 125 7.47 2.56 -15.97
CA GLY B 125 6.19 3.12 -16.36
C GLY B 125 6.08 4.62 -16.21
N PHE B 126 7.19 5.34 -16.21
CA PHE B 126 7.27 6.78 -16.05
C PHE B 126 6.68 7.27 -14.73
N TYR B 127 6.43 6.36 -13.78
CA TYR B 127 5.94 6.72 -12.47
C TYR B 127 6.88 6.33 -11.34
N SER B 128 7.93 5.55 -11.61
CA SER B 128 8.83 5.06 -10.57
C SER B 128 10.19 4.77 -11.21
N GLY B 129 11.08 4.19 -10.42
CA GLY B 129 12.40 3.82 -10.88
C GLY B 129 13.48 4.71 -10.27
N ALA B 130 14.69 4.17 -10.26
CA ALA B 130 15.85 4.89 -9.72
C ALA B 130 17.11 4.26 -10.29
N SER B 131 18.14 5.09 -10.41
CA SER B 131 19.43 4.62 -10.93
C SER B 131 20.31 3.97 -9.86
N SER B 132 19.81 3.84 -8.64
CA SER B 132 20.60 3.32 -7.53
C SER B 132 20.20 1.90 -7.14
N LEU B 133 19.34 1.25 -7.90
CA LEU B 133 18.94 -0.11 -7.58
C LEU B 133 20.11 -1.06 -7.76
N ASP B 134 20.11 -2.14 -6.97
CA ASP B 134 21.21 -3.09 -7.00
C ASP B 134 21.36 -3.75 -8.36
N VAL B 135 20.25 -3.96 -9.07
CA VAL B 135 20.29 -4.59 -10.39
C VAL B 135 20.86 -3.68 -11.47
N TYR B 136 21.01 -2.39 -11.18
CA TYR B 136 21.59 -1.44 -12.12
C TYR B 136 23.05 -1.12 -11.77
N ASP B 137 23.67 -1.94 -10.92
CA ASP B 137 25.07 -1.69 -10.54
C ASP B 137 25.99 -1.97 -11.72
N GLY B 138 26.81 -0.98 -12.06
CA GLY B 138 27.67 -1.10 -13.21
C GLY B 138 29.11 -1.47 -12.91
N ARG B 139 29.36 -2.04 -11.72
CA ARG B 139 30.72 -2.40 -11.36
C ARG B 139 31.19 -3.65 -12.10
N PHE B 140 30.26 -4.51 -12.52
CA PHE B 140 30.62 -5.75 -13.19
C PHE B 140 30.79 -5.58 -14.69
N LEU B 141 29.90 -4.80 -15.33
CA LEU B 141 30.04 -4.56 -16.76
C LEU B 141 31.28 -3.73 -17.07
N VAL B 142 31.61 -2.80 -16.18
CA VAL B 142 32.78 -1.95 -16.41
C VAL B 142 34.07 -2.73 -16.18
N GLN B 143 34.07 -3.63 -15.19
CA GLN B 143 35.29 -4.40 -14.91
C GLN B 143 35.56 -5.44 -15.98
N ALA B 144 34.52 -6.13 -16.44
CA ALA B 144 34.71 -7.24 -17.36
C ALA B 144 34.96 -6.78 -18.80
N GLU B 145 34.37 -5.67 -19.21
CA GLU B 145 34.49 -5.22 -20.59
C GLU B 145 35.24 -3.90 -20.73
N ARG B 146 35.69 -3.31 -19.63
CA ARG B 146 36.49 -2.09 -19.63
C ARG B 146 35.84 -0.98 -20.46
N THR B 147 34.61 -0.64 -20.06
CA THR B 147 33.86 0.44 -20.68
C THR B 147 33.43 1.42 -19.61
N VAL B 148 32.85 2.53 -20.04
CA VAL B 148 32.36 3.59 -19.17
C VAL B 148 30.83 3.52 -19.14
N LEU B 149 30.26 3.30 -17.96
CA LEU B 149 28.82 3.21 -17.80
C LEU B 149 28.33 4.44 -17.02
N VAL B 150 27.27 5.07 -17.54
CA VAL B 150 26.68 6.26 -16.94
C VAL B 150 25.19 6.02 -16.78
N SER B 151 24.66 6.34 -15.60
CA SER B 151 23.23 6.25 -15.35
C SER B 151 22.79 7.48 -14.56
N MET B 152 21.61 7.99 -14.88
CA MET B 152 21.09 9.20 -14.25
C MET B 152 19.70 8.95 -13.70
N ASN B 153 19.29 9.82 -12.78
CA ASN B 153 17.90 9.89 -12.35
C ASN B 153 17.16 10.93 -13.17
N TYR B 154 15.86 10.69 -13.36
CA TYR B 154 15.00 11.65 -14.02
C TYR B 154 13.66 11.67 -13.30
N ARG B 155 13.01 12.83 -13.31
CA ARG B 155 11.74 12.99 -12.62
C ARG B 155 10.67 12.10 -13.25
N VAL B 156 9.99 11.34 -12.41
CA VAL B 156 8.92 10.45 -12.85
C VAL B 156 7.59 10.96 -12.30
N GLY B 157 6.50 10.35 -12.77
CA GLY B 157 5.19 10.73 -12.28
C GLY B 157 4.80 12.13 -12.69
N ALA B 158 4.01 12.78 -11.82
CA ALA B 158 3.56 14.14 -12.12
C ALA B 158 4.72 15.13 -12.10
N PHE B 159 5.74 14.88 -11.26
CA PHE B 159 6.87 15.79 -11.18
C PHE B 159 7.68 15.82 -12.46
N GLY B 160 7.53 14.82 -13.33
CA GLY B 160 8.30 14.76 -14.55
C GLY B 160 7.48 14.75 -15.82
N PHE B 161 6.17 14.51 -15.71
CA PHE B 161 5.35 14.37 -16.90
C PHE B 161 3.94 14.96 -16.77
N LEU B 162 3.66 15.74 -15.74
CA LEU B 162 2.40 16.48 -15.70
C LEU B 162 2.46 17.58 -16.74
N ALA B 163 1.48 17.58 -17.66
CA ALA B 163 1.52 18.48 -18.80
C ALA B 163 0.21 19.25 -18.90
N LEU B 164 0.30 20.57 -18.94
CA LEU B 164 -0.78 21.45 -19.36
C LEU B 164 -0.37 22.09 -20.67
N PRO B 165 -0.65 21.45 -21.81
CA PRO B 165 -0.11 21.94 -23.09
C PRO B 165 -0.58 23.36 -23.39
N GLY B 166 0.37 24.20 -23.79
CA GLY B 166 0.08 25.58 -24.10
C GLY B 166 0.81 26.54 -23.18
N SER B 167 0.84 26.24 -21.89
CA SER B 167 1.47 27.10 -20.91
C SER B 167 2.93 26.73 -20.73
N ARG B 168 3.71 27.70 -20.24
CA ARG B 168 5.11 27.47 -19.91
C ARG B 168 5.32 27.12 -18.45
N GLU B 169 4.26 27.05 -17.66
CA GLU B 169 4.39 26.67 -16.25
C GLU B 169 4.44 25.16 -16.08
N ALA B 170 3.85 24.40 -17.01
CA ALA B 170 3.90 22.95 -16.99
C ALA B 170 3.89 22.44 -18.43
N PRO B 171 5.01 22.58 -19.14
CA PRO B 171 5.01 22.27 -20.58
C PRO B 171 4.94 20.79 -20.90
N GLY B 172 5.35 19.92 -19.99
CA GLY B 172 5.35 18.49 -20.27
C GLY B 172 6.73 18.00 -20.67
N ASN B 173 6.90 16.69 -20.57
CA ASN B 173 8.11 15.98 -21.01
C ASN B 173 9.37 16.47 -20.31
N VAL B 174 9.24 17.12 -19.15
CA VAL B 174 10.42 17.59 -18.44
C VAL B 174 11.25 16.43 -17.92
N GLY B 175 10.64 15.26 -17.72
CA GLY B 175 11.43 14.08 -17.36
C GLY B 175 12.33 13.63 -18.49
N LEU B 176 11.87 13.78 -19.74
CA LEU B 176 12.72 13.52 -20.89
C LEU B 176 13.81 14.58 -21.02
N LEU B 177 13.50 15.82 -20.65
CA LEU B 177 14.52 16.87 -20.67
C LEU B 177 15.57 16.66 -19.59
N ASP B 178 15.20 16.01 -18.48
CA ASP B 178 16.20 15.62 -17.49
C ASP B 178 17.19 14.63 -18.09
N GLN B 179 16.70 13.70 -18.92
CA GLN B 179 17.59 12.74 -19.55
C GLN B 179 18.48 13.42 -20.60
N ARG B 180 17.92 14.38 -21.34
CA ARG B 180 18.71 15.06 -22.35
C ARG B 180 19.83 15.89 -21.72
N LEU B 181 19.53 16.58 -20.62
CA LEU B 181 20.56 17.35 -19.93
C LEU B 181 21.68 16.45 -19.42
N ALA B 182 21.33 15.23 -18.99
CA ALA B 182 22.36 14.27 -18.60
C ALA B 182 23.17 13.81 -19.80
N LEU B 183 22.54 13.76 -20.98
CA LEU B 183 23.28 13.39 -22.19
C LEU B 183 24.23 14.51 -22.61
N GLN B 184 23.80 15.76 -22.47
CA GLN B 184 24.69 16.89 -22.73
C GLN B 184 25.82 16.94 -21.70
N TRP B 185 25.55 16.50 -20.47
CA TRP B 185 26.61 16.43 -19.46
C TRP B 185 27.66 15.41 -19.84
N VAL B 186 27.25 14.28 -20.42
CA VAL B 186 28.20 13.27 -20.86
C VAL B 186 29.06 13.81 -22.00
N GLN B 187 28.48 14.61 -22.89
CA GLN B 187 29.24 15.18 -24.00
C GLN B 187 30.32 16.14 -23.50
N GLU B 188 30.10 16.78 -22.35
CA GLU B 188 31.01 17.81 -21.87
C GLU B 188 31.99 17.30 -20.80
N ASN B 189 31.75 16.14 -20.21
CA ASN B 189 32.56 15.74 -19.06
C ASN B 189 32.96 14.27 -19.03
N VAL B 190 32.48 13.42 -19.93
CA VAL B 190 32.81 12.00 -19.84
C VAL B 190 34.27 11.75 -20.20
N ALA B 191 34.92 12.67 -20.90
CA ALA B 191 36.32 12.49 -21.26
C ALA B 191 37.22 12.52 -20.03
N ALA B 192 36.83 13.26 -18.99
CA ALA B 192 37.60 13.31 -17.76
C ALA B 192 37.65 11.96 -17.05
N PHE B 193 36.71 11.07 -17.34
CA PHE B 193 36.70 9.73 -16.79
C PHE B 193 37.28 8.70 -17.76
N GLY B 194 37.78 9.14 -18.92
CA GLY B 194 38.30 8.24 -19.92
C GLY B 194 37.29 7.78 -20.95
N GLY B 195 36.22 8.52 -21.15
CA GLY B 195 35.17 8.14 -22.07
C GLY B 195 35.25 8.86 -23.40
N ASP B 196 34.72 8.23 -24.44
CA ASP B 196 34.74 8.80 -25.77
C ASP B 196 33.37 9.41 -26.08
N PRO B 197 33.23 10.73 -26.08
CA PRO B 197 31.92 11.33 -26.41
C PRO B 197 31.49 11.15 -27.85
N THR B 198 32.29 10.48 -28.69
CA THR B 198 31.90 10.17 -30.05
C THR B 198 31.47 8.72 -30.23
N SER B 199 31.29 7.99 -29.15
CA SER B 199 30.84 6.60 -29.18
C SER B 199 29.96 6.35 -27.97
N VAL B 200 28.84 7.07 -27.89
CA VAL B 200 27.90 6.97 -26.78
C VAL B 200 26.75 6.05 -27.18
N THR B 201 26.49 5.03 -26.38
CA THR B 201 25.46 4.03 -26.65
C THR B 201 24.38 4.14 -25.58
N LEU B 202 23.19 4.59 -25.99
CA LEU B 202 22.03 4.59 -25.11
C LEU B 202 21.42 3.20 -25.01
N PHE B 203 21.05 2.80 -23.79
CA PHE B 203 20.30 1.57 -23.61
C PHE B 203 19.42 1.68 -22.38
N GLY B 204 18.15 1.30 -22.54
CA GLY B 204 17.19 1.34 -21.45
C GLY B 204 16.29 0.12 -21.50
N GLU B 205 15.31 0.10 -20.60
CA GLU B 205 14.40 -1.03 -20.50
C GLU B 205 13.01 -0.53 -20.14
N SER B 206 12.00 -1.05 -20.85
CA SER B 206 10.59 -0.70 -20.64
C SER B 206 10.46 0.81 -20.86
N ALA B 207 10.02 1.58 -19.87
CA ALA B 207 9.91 3.03 -20.07
C ALA B 207 11.26 3.66 -20.41
N GLY B 208 12.36 3.06 -19.99
CA GLY B 208 13.67 3.52 -20.43
C GLY B 208 13.91 3.24 -21.90
N ALA B 209 13.48 2.08 -22.37
CA ALA B 209 13.57 1.77 -23.79
C ALA B 209 12.71 2.72 -24.62
N ALA B 210 11.51 3.03 -24.13
CA ALA B 210 10.68 4.02 -24.82
C ALA B 210 11.34 5.39 -24.79
N SER B 211 12.03 5.72 -23.70
CA SER B 211 12.74 6.98 -23.63
C SER B 211 13.88 7.04 -24.65
N VAL B 212 14.63 5.93 -24.79
CA VAL B 212 15.68 5.86 -25.79
C VAL B 212 15.08 6.03 -27.19
N GLY B 213 13.90 5.43 -27.42
CA GLY B 213 13.26 5.57 -28.72
C GLY B 213 12.78 6.98 -28.99
N MET B 214 12.34 7.69 -27.96
CA MET B 214 11.89 9.06 -28.14
C MET B 214 13.04 10.03 -28.37
N HIS B 215 14.24 9.69 -27.91
CA HIS B 215 15.41 10.51 -28.21
C HIS B 215 15.88 10.33 -29.65
N LEU B 216 15.58 9.17 -30.25
CA LEU B 216 15.86 8.99 -31.67
C LEU B 216 14.99 9.89 -32.53
N LEU B 217 13.78 10.18 -32.07
CA LEU B 217 12.81 10.96 -32.84
C LEU B 217 12.85 12.44 -32.52
N SER B 218 13.68 12.86 -31.57
CA SER B 218 13.81 14.27 -31.23
C SER B 218 15.14 14.78 -31.78
N PRO B 219 15.13 15.76 -32.67
CA PRO B 219 16.39 16.23 -33.29
C PRO B 219 17.41 16.72 -32.28
N PRO B 220 17.03 17.53 -31.28
CA PRO B 220 18.06 18.02 -30.34
C PRO B 220 18.76 16.91 -29.56
N SER B 221 18.07 15.78 -29.32
CA SER B 221 18.67 14.67 -28.61
C SER B 221 19.43 13.71 -29.51
N ARG B 222 19.24 13.81 -30.83
CA ARG B 222 19.85 12.86 -31.75
C ARG B 222 21.37 13.01 -31.79
N GLY B 223 21.86 14.24 -31.65
CA GLY B 223 23.28 14.50 -31.83
C GLY B 223 24.09 14.26 -30.58
N LEU B 224 23.47 13.64 -29.59
CA LEU B 224 24.09 13.35 -28.31
C LEU B 224 24.48 11.90 -28.14
N PHE B 225 24.01 11.01 -29.01
CA PHE B 225 24.39 9.60 -28.95
C PHE B 225 24.49 9.05 -30.36
N HIS B 226 25.00 7.83 -30.46
CA HIS B 226 25.25 7.23 -31.77
C HIS B 226 24.67 5.83 -31.94
N ARG B 227 24.40 5.11 -30.86
CA ARG B 227 23.79 3.79 -30.93
C ARG B 227 22.70 3.69 -29.87
N ALA B 228 21.73 2.81 -30.11
CA ALA B 228 20.59 2.68 -29.23
C ALA B 228 20.27 1.21 -29.00
N VAL B 229 19.86 0.89 -27.77
CA VAL B 229 19.39 -0.45 -27.41
C VAL B 229 18.07 -0.30 -26.67
N LEU B 230 17.04 -0.96 -27.18
CA LEU B 230 15.69 -0.87 -26.61
C LEU B 230 15.29 -2.26 -26.13
N GLN B 231 15.16 -2.40 -24.81
CA GLN B 231 14.86 -3.68 -24.18
C GLN B 231 13.43 -3.65 -23.66
N SER B 232 12.57 -4.49 -24.25
CA SER B 232 11.19 -4.67 -23.79
C SER B 232 10.43 -3.35 -23.72
N GLY B 233 10.57 -2.56 -24.77
CA GLY B 233 9.87 -1.28 -24.82
C GLY B 233 10.15 -0.59 -26.14
N ALA B 234 9.26 0.33 -26.48
CA ALA B 234 9.35 1.08 -27.73
C ALA B 234 8.53 2.36 -27.58
N PRO B 235 8.92 3.44 -28.27
CA PRO B 235 8.18 4.70 -28.13
C PRO B 235 6.79 4.67 -28.75
N ASN B 236 6.51 3.74 -29.65
CA ASN B 236 5.23 3.65 -30.32
C ASN B 236 4.23 2.78 -29.58
N GLY B 237 4.57 2.31 -28.38
CA GLY B 237 3.65 1.52 -27.58
C GLY B 237 2.42 2.31 -27.18
N PRO B 238 1.30 1.61 -26.98
CA PRO B 238 0.05 2.31 -26.61
C PRO B 238 0.09 2.94 -25.23
N TRP B 239 1.13 2.68 -24.44
CA TRP B 239 1.26 3.22 -23.10
C TRP B 239 2.31 4.32 -22.99
N ALA B 240 3.12 4.53 -24.01
CA ALA B 240 4.27 5.40 -23.89
C ALA B 240 3.93 6.87 -24.06
N THR B 241 2.86 7.19 -24.79
CA THR B 241 2.50 8.58 -25.05
C THR B 241 1.03 8.80 -24.72
N VAL B 242 0.62 10.07 -24.79
CA VAL B 242 -0.74 10.48 -24.50
C VAL B 242 -1.01 11.78 -25.25
N GLY B 243 -2.29 12.06 -25.51
CA GLY B 243 -2.65 13.25 -26.24
C GLY B 243 -2.65 14.50 -25.37
N MET B 244 -2.62 15.65 -26.03
CA MET B 244 -2.64 16.92 -25.30
C MET B 244 -3.95 17.11 -24.55
N GLY B 245 -5.06 16.66 -25.13
CA GLY B 245 -6.35 16.78 -24.46
C GLY B 245 -6.45 15.87 -23.25
N GLU B 246 -5.99 14.63 -23.39
CA GLU B 246 -6.03 13.70 -22.26
C GLU B 246 -5.05 14.12 -21.17
N ALA B 247 -3.89 14.64 -21.57
CA ALA B 247 -2.93 15.13 -20.57
C ALA B 247 -3.48 16.31 -19.79
N ARG B 248 -4.29 17.15 -20.43
CA ARG B 248 -4.90 18.26 -19.71
C ARG B 248 -5.97 17.76 -18.75
N ARG B 249 -6.73 16.74 -19.16
CA ARG B 249 -7.79 16.21 -18.29
C ARG B 249 -7.19 15.52 -17.06
N ARG B 250 -6.13 14.73 -17.26
CA ARG B 250 -5.50 14.05 -16.13
C ARG B 250 -4.85 15.05 -15.17
N ALA B 251 -4.24 16.10 -15.71
CA ALA B 251 -3.61 17.10 -14.85
C ALA B 251 -4.66 17.89 -14.07
N THR B 252 -5.80 18.18 -14.71
CA THR B 252 -6.84 18.96 -14.04
C THR B 252 -7.50 18.16 -12.92
N GLN B 253 -7.75 16.87 -13.15
CA GLN B 253 -8.38 16.06 -12.11
C GLN B 253 -7.45 15.85 -10.92
N LEU B 254 -6.16 15.67 -11.18
CA LEU B 254 -5.19 15.59 -10.08
C LEU B 254 -5.21 16.86 -9.24
N ALA B 255 -5.32 18.02 -9.88
CA ALA B 255 -5.44 19.26 -9.15
C ALA B 255 -6.73 19.30 -8.34
N HIS B 256 -7.82 18.79 -8.92
CA HIS B 256 -9.09 18.75 -8.20
C HIS B 256 -9.01 17.87 -6.96
N LEU B 257 -8.34 16.72 -7.08
CA LEU B 257 -8.23 15.80 -5.96
C LEU B 257 -7.40 16.36 -4.81
N VAL B 258 -6.51 17.31 -5.08
CA VAL B 258 -5.69 17.91 -4.03
C VAL B 258 -6.18 19.31 -3.66
N GLY B 259 -7.32 19.73 -4.18
CA GLY B 259 -7.90 21.01 -3.82
C GLY B 259 -7.39 22.18 -4.64
N CYS B 260 -7.23 21.97 -5.94
CA CYS B 260 -6.77 23.01 -6.85
C CYS B 260 -7.72 23.09 -8.05
N PRO B 261 -8.28 24.28 -8.35
CA PRO B 261 -8.08 25.52 -7.59
C PRO B 261 -8.99 25.57 -6.37
N PRO B 262 -8.72 26.49 -5.43
CA PRO B 262 -9.58 26.62 -4.27
C PRO B 262 -11.02 26.96 -4.66
N GLY B 263 -11.94 26.69 -3.73
CA GLY B 263 -13.35 26.93 -3.97
C GLY B 263 -13.69 28.36 -4.29
N GLY B 264 -13.82 28.67 -5.57
CA GLY B 264 -14.12 30.00 -6.03
C GLY B 264 -12.99 30.72 -6.75
N THR B 265 -11.99 30.00 -7.26
CA THR B 265 -10.84 30.59 -7.93
C THR B 265 -10.90 30.27 -9.43
N GLY B 266 -10.29 31.14 -10.23
CA GLY B 266 -10.27 30.92 -11.66
C GLY B 266 -9.53 29.64 -12.04
N GLY B 267 -9.89 29.09 -13.19
CA GLY B 267 -9.34 27.81 -13.61
C GLY B 267 -8.37 27.89 -14.78
N ASN B 268 -7.59 28.96 -14.85
CA ASN B 268 -6.56 29.06 -15.88
C ASN B 268 -5.31 28.31 -15.44
N ASP B 269 -4.41 28.08 -16.40
CA ASP B 269 -3.25 27.22 -16.14
C ASP B 269 -2.27 27.87 -15.17
N THR B 270 -2.18 29.20 -15.16
CA THR B 270 -1.21 29.86 -14.29
C THR B 270 -1.58 29.68 -12.82
N GLU B 271 -2.85 29.89 -12.47
CA GLU B 271 -3.29 29.71 -11.09
C GLU B 271 -3.39 28.25 -10.69
N LEU B 272 -3.56 27.35 -11.67
CA LEU B 272 -3.67 25.92 -11.35
C LEU B 272 -2.31 25.34 -10.99
N VAL B 273 -1.29 25.62 -11.80
CA VAL B 273 0.05 25.13 -11.50
C VAL B 273 0.59 25.78 -10.24
N ALA B 274 0.24 27.05 -10.00
CA ALA B 274 0.68 27.71 -8.78
C ALA B 274 0.11 27.02 -7.54
N CYS B 275 -1.12 26.50 -7.64
CA CYS B 275 -1.71 25.76 -6.52
C CYS B 275 -1.06 24.41 -6.33
N LEU B 276 -0.63 23.76 -7.43
CA LEU B 276 0.04 22.46 -7.31
C LEU B 276 1.43 22.60 -6.70
N ARG B 277 2.11 23.72 -6.95
CA ARG B 277 3.46 23.90 -6.43
C ARG B 277 3.47 24.11 -4.92
N THR B 278 2.33 24.44 -4.31
CA THR B 278 2.26 24.60 -2.87
C THR B 278 1.96 23.29 -2.14
N ARG B 279 1.41 22.31 -2.83
CA ARG B 279 1.09 21.04 -2.19
C ARG B 279 2.35 20.25 -1.91
N PRO B 280 2.40 19.51 -0.80
CA PRO B 280 3.54 18.64 -0.54
C PRO B 280 3.67 17.56 -1.62
N ALA B 281 4.89 17.07 -1.79
CA ALA B 281 5.15 16.09 -2.85
C ALA B 281 4.35 14.81 -2.64
N GLN B 282 4.23 14.37 -1.38
CA GLN B 282 3.53 13.12 -1.11
C GLN B 282 2.05 13.23 -1.40
N VAL B 283 1.48 14.42 -1.30
CA VAL B 283 0.05 14.58 -1.57
C VAL B 283 -0.26 14.33 -3.04
N LEU B 284 0.60 14.80 -3.94
CA LEU B 284 0.39 14.56 -5.37
C LEU B 284 0.55 13.07 -5.69
N VAL B 285 1.46 12.38 -4.99
CA VAL B 285 1.72 10.97 -5.29
C VAL B 285 0.55 10.11 -4.83
N ASN B 286 -0.10 10.47 -3.73
CA ASN B 286 -1.18 9.63 -3.19
C ASN B 286 -2.41 9.60 -4.10
N HIS B 287 -2.56 10.57 -5.01
CA HIS B 287 -3.69 10.62 -5.93
C HIS B 287 -3.27 10.36 -7.37
N GLU B 288 -2.13 9.69 -7.59
CA GLU B 288 -1.60 9.54 -8.93
C GLU B 288 -2.43 8.56 -9.75
N TRP B 289 -2.74 7.40 -9.18
CA TRP B 289 -3.48 6.38 -9.91
C TRP B 289 -4.98 6.67 -10.00
N HIS B 290 -5.46 7.71 -9.32
CA HIS B 290 -6.88 8.05 -9.32
C HIS B 290 -7.30 8.87 -10.53
N VAL B 291 -6.42 9.07 -11.50
CA VAL B 291 -6.73 9.87 -12.69
C VAL B 291 -6.80 9.02 -13.96
N LEU B 292 -6.50 7.73 -13.87
CA LEU B 292 -6.66 6.87 -15.03
C LEU B 292 -8.14 6.73 -15.39
N PRO B 293 -8.47 6.75 -16.69
CA PRO B 293 -9.90 6.77 -17.05
C PRO B 293 -10.62 5.45 -16.77
N GLN B 294 -9.95 4.32 -16.98
CA GLN B 294 -10.61 3.02 -16.87
C GLN B 294 -9.77 2.07 -16.04
N GLU B 295 -10.42 0.99 -15.58
CA GLU B 295 -9.73 -0.12 -14.94
C GLU B 295 -8.89 -0.85 -15.98
N SER B 296 -7.56 -0.82 -15.82
CA SER B 296 -6.70 -1.40 -16.83
C SER B 296 -5.34 -1.73 -16.21
N VAL B 297 -4.63 -2.63 -16.87
CA VAL B 297 -3.24 -2.93 -16.56
C VAL B 297 -2.37 -2.36 -17.67
N PHE B 298 -1.09 -2.18 -17.37
CA PHE B 298 -0.11 -1.66 -18.32
C PHE B 298 -0.49 -0.28 -18.84
N ARG B 299 -1.10 0.53 -17.98
CA ARG B 299 -1.40 1.92 -18.28
C ARG B 299 -0.97 2.79 -17.11
N PHE B 300 -0.44 3.96 -17.41
CA PHE B 300 0.17 4.83 -16.41
C PHE B 300 -0.34 6.25 -16.58
N SER B 301 -0.46 6.94 -15.45
CA SER B 301 -1.15 8.24 -15.42
C SER B 301 -0.41 9.28 -16.25
N PHE B 302 0.81 9.62 -15.83
CA PHE B 302 1.57 10.71 -16.44
C PHE B 302 2.72 10.13 -17.25
N VAL B 303 2.57 10.19 -18.58
CA VAL B 303 3.56 9.66 -19.51
C VAL B 303 3.95 10.81 -20.45
N PRO B 304 4.97 10.65 -21.29
CA PRO B 304 5.27 11.70 -22.28
C PRO B 304 4.05 12.05 -23.13
N VAL B 305 4.00 13.31 -23.57
CA VAL B 305 2.88 13.84 -24.33
C VAL B 305 3.41 14.35 -25.67
N VAL B 306 2.60 14.19 -26.72
CA VAL B 306 2.93 14.70 -28.05
C VAL B 306 2.56 16.19 -28.06
N ASP B 307 3.54 17.06 -27.81
CA ASP B 307 3.31 18.48 -27.65
C ASP B 307 3.78 19.31 -28.83
N GLY B 308 4.34 18.68 -29.87
CA GLY B 308 4.88 19.42 -30.99
C GLY B 308 6.26 20.00 -30.76
N ASP B 309 6.77 19.96 -29.53
CA ASP B 309 8.09 20.49 -29.22
C ASP B 309 9.11 19.36 -29.16
N PHE B 310 9.11 18.60 -28.07
CA PHE B 310 10.00 17.44 -27.96
C PHE B 310 9.65 16.39 -29.01
N LEU B 311 8.36 16.14 -29.20
CA LEU B 311 7.85 15.22 -30.22
C LEU B 311 6.98 16.04 -31.17
N SER B 312 7.51 16.34 -32.35
CA SER B 312 6.77 17.16 -33.32
C SER B 312 5.49 16.45 -33.78
N ASP B 313 5.48 15.13 -33.75
CA ASP B 313 4.30 14.36 -34.11
C ASP B 313 4.28 13.09 -33.25
N THR B 314 3.29 12.24 -33.49
CA THR B 314 3.22 10.98 -32.75
C THR B 314 4.42 10.11 -33.10
N PRO B 315 4.89 9.29 -32.17
CA PRO B 315 6.03 8.40 -32.47
C PRO B 315 5.78 7.50 -33.67
N GLU B 316 4.55 7.04 -33.87
CA GLU B 316 4.24 6.22 -35.03
C GLU B 316 4.49 6.97 -36.33
N ALA B 317 4.13 8.26 -36.36
CA ALA B 317 4.33 9.05 -37.57
C ALA B 317 5.81 9.37 -37.78
N LEU B 318 6.52 9.73 -36.71
CA LEU B 318 7.92 10.09 -36.84
C LEU B 318 8.79 8.90 -37.25
N ILE B 319 8.36 7.69 -36.91
CA ILE B 319 9.11 6.50 -37.30
C ILE B 319 8.93 6.22 -38.78
N ASN B 320 7.72 6.43 -39.31
CA ASN B 320 7.47 6.14 -40.72
C ASN B 320 8.16 7.16 -41.62
N ALA B 321 8.14 8.44 -41.24
CA ALA B 321 8.69 9.52 -42.06
C ALA B 321 10.09 9.92 -41.62
N GLY B 322 10.92 8.97 -41.23
CA GLY B 322 12.25 9.28 -40.74
C GLY B 322 13.30 8.47 -41.47
N ASP B 323 14.51 9.04 -41.53
CA ASP B 323 15.67 8.39 -42.13
C ASP B 323 16.62 7.98 -41.01
N PHE B 324 17.05 6.72 -41.04
CA PHE B 324 17.88 6.17 -39.97
C PHE B 324 19.15 5.54 -40.53
N HIS B 325 19.71 6.11 -41.60
CA HIS B 325 20.96 5.61 -42.14
C HIS B 325 22.11 5.94 -41.20
N GLY B 326 23.06 5.01 -41.08
CA GLY B 326 24.19 5.21 -40.20
C GLY B 326 23.87 5.06 -38.73
N LEU B 327 22.93 4.18 -38.40
CA LEU B 327 22.50 3.98 -37.02
C LEU B 327 22.36 2.49 -36.75
N GLN B 328 22.93 2.03 -35.65
CA GLN B 328 22.83 0.64 -35.22
C GLN B 328 21.92 0.56 -34.00
N VAL B 329 20.88 -0.27 -34.09
CA VAL B 329 19.90 -0.43 -33.02
C VAL B 329 19.84 -1.90 -32.64
N LEU B 330 19.69 -2.15 -31.33
CA LEU B 330 19.56 -3.50 -30.80
C LEU B 330 18.27 -3.56 -29.98
N VAL B 331 17.28 -4.30 -30.48
CA VAL B 331 16.00 -4.42 -29.81
C VAL B 331 15.78 -5.87 -29.40
N GLY B 332 14.85 -6.06 -28.47
CA GLY B 332 14.55 -7.40 -28.00
C GLY B 332 13.52 -7.37 -26.90
N VAL B 333 12.98 -8.56 -26.60
CA VAL B 333 11.97 -8.76 -25.58
C VAL B 333 12.28 -10.05 -24.84
N VAL B 334 11.59 -10.26 -23.72
CA VAL B 334 11.64 -11.54 -23.02
C VAL B 334 10.48 -12.40 -23.52
N LYS B 335 10.47 -13.68 -23.15
CA LYS B 335 9.47 -14.58 -23.69
C LYS B 335 8.08 -14.24 -23.19
N ASP B 336 7.92 -14.09 -21.87
CA ASP B 336 6.63 -13.85 -21.24
C ASP B 336 6.57 -12.41 -20.77
N GLU B 337 6.30 -11.49 -21.70
CA GLU B 337 6.29 -10.07 -21.38
C GLU B 337 5.09 -9.68 -20.53
N GLY B 338 3.96 -10.34 -20.71
CA GLY B 338 2.72 -9.88 -20.09
C GLY B 338 2.37 -10.53 -18.77
N SER B 339 3.08 -11.58 -18.38
CA SER B 339 2.71 -12.32 -17.17
C SER B 339 2.88 -11.48 -15.91
N TYR B 340 3.83 -10.53 -15.91
CA TYR B 340 4.08 -9.73 -14.71
C TYR B 340 2.91 -8.77 -14.43
N PHE B 341 2.32 -8.22 -15.48
CA PHE B 341 1.31 -7.18 -15.31
C PHE B 341 -0.08 -7.74 -15.02
N LEU B 342 -0.24 -9.03 -15.10
CA LEU B 342 -1.49 -9.69 -14.85
C LEU B 342 -1.89 -9.68 -13.43
N VAL B 343 -0.93 -9.68 -12.53
CA VAL B 343 -1.22 -9.74 -11.11
C VAL B 343 -1.57 -8.45 -10.50
N TYR B 344 -1.63 -7.45 -11.32
CA TYR B 344 -1.98 -6.14 -10.89
C TYR B 344 -3.38 -5.76 -11.20
N GLY B 345 -4.24 -6.71 -11.52
CA GLY B 345 -5.62 -6.37 -11.80
C GLY B 345 -6.48 -7.23 -12.65
N ALA B 346 -5.90 -8.23 -13.26
CA ALA B 346 -6.64 -9.11 -14.06
C ALA B 346 -7.40 -9.99 -13.12
N PRO B 347 -8.71 -10.23 -13.44
CA PRO B 347 -9.46 -11.05 -12.50
C PRO B 347 -8.98 -12.48 -12.40
N GLY B 348 -9.01 -13.06 -11.21
CA GLY B 348 -8.60 -14.44 -11.00
C GLY B 348 -7.10 -14.68 -10.96
N PHE B 349 -6.28 -13.63 -11.06
CA PHE B 349 -4.84 -13.78 -11.09
C PHE B 349 -4.24 -13.48 -9.73
N SER B 350 -3.29 -14.33 -9.32
CA SER B 350 -2.62 -14.20 -8.04
C SER B 350 -1.28 -14.92 -8.11
N LYS B 351 -0.24 -14.26 -7.59
CA LYS B 351 1.10 -14.87 -7.63
C LYS B 351 1.24 -16.05 -6.69
N ASP B 352 0.26 -16.27 -5.81
CA ASP B 352 0.36 -17.32 -4.80
C ASP B 352 -0.42 -18.58 -5.16
N ASN B 353 -1.08 -18.61 -6.32
CA ASN B 353 -1.69 -19.84 -6.82
C ASN B 353 -1.34 -20.05 -8.28
N GLU B 354 -2.00 -21.00 -8.93
CA GLU B 354 -1.68 -21.33 -10.32
C GLU B 354 -2.35 -20.39 -11.32
N SER B 355 -3.24 -19.51 -10.87
CA SER B 355 -3.95 -18.56 -11.73
C SER B 355 -4.65 -19.28 -12.89
N LEU B 356 -5.30 -20.39 -12.57
CA LEU B 356 -6.07 -21.15 -13.56
C LEU B 356 -7.42 -20.47 -13.73
N ILE B 357 -7.43 -19.44 -14.57
CA ILE B 357 -8.64 -18.63 -14.74
C ILE B 357 -9.67 -19.39 -15.56
N SER B 358 -10.92 -18.93 -15.46
CA SER B 358 -12.03 -19.52 -16.19
C SER B 358 -12.23 -18.80 -17.52
N ARG B 359 -13.21 -19.27 -18.29
CA ARG B 359 -13.52 -18.63 -19.57
C ARG B 359 -14.11 -17.24 -19.34
N ALA B 360 -14.93 -17.07 -18.30
CA ALA B 360 -15.52 -15.77 -18.02
C ALA B 360 -14.47 -14.78 -17.54
N GLU B 361 -13.54 -15.24 -16.70
CA GLU B 361 -12.45 -14.36 -16.24
C GLU B 361 -11.52 -13.97 -17.38
N PHE B 362 -11.38 -14.85 -18.38
CA PHE B 362 -10.56 -14.51 -19.54
C PHE B 362 -11.20 -13.40 -20.36
N LEU B 363 -12.53 -13.44 -20.52
CA LEU B 363 -13.21 -12.40 -21.27
C LEU B 363 -13.14 -11.06 -20.56
N ALA B 364 -13.18 -11.06 -19.22
CA ALA B 364 -13.07 -9.82 -18.47
C ALA B 364 -11.63 -9.29 -18.50
N GLY B 365 -10.65 -10.19 -18.45
CA GLY B 365 -9.26 -9.75 -18.49
C GLY B 365 -8.86 -9.13 -19.81
N VAL B 366 -9.52 -9.51 -20.90
CA VAL B 366 -9.24 -8.90 -22.20
C VAL B 366 -9.64 -7.43 -22.19
N ARG B 367 -10.75 -7.10 -21.53
CA ARG B 367 -11.17 -5.71 -21.42
C ARG B 367 -10.25 -4.91 -20.51
N VAL B 368 -9.54 -5.57 -19.61
CA VAL B 368 -8.57 -4.89 -18.76
C VAL B 368 -7.19 -4.84 -19.42
N GLY B 369 -6.76 -5.94 -20.02
CA GLY B 369 -5.47 -5.95 -20.70
C GLY B 369 -5.45 -5.12 -21.97
N VAL B 370 -6.58 -5.04 -22.67
CA VAL B 370 -6.71 -4.22 -23.86
C VAL B 370 -7.80 -3.19 -23.63
N PRO B 371 -7.49 -2.07 -22.98
CA PRO B 371 -8.53 -1.06 -22.69
C PRO B 371 -8.80 -0.18 -23.91
N GLN B 372 -9.84 0.65 -23.77
CA GLN B 372 -10.22 1.69 -24.72
C GLN B 372 -10.74 1.14 -26.05
N VAL B 373 -10.92 -0.18 -26.17
CA VAL B 373 -11.36 -0.76 -27.43
C VAL B 373 -12.86 -1.04 -27.38
N SER B 374 -13.46 -1.17 -28.55
CA SER B 374 -14.88 -1.43 -28.67
C SER B 374 -15.19 -2.91 -28.43
N ASP B 375 -16.48 -3.22 -28.33
CA ASP B 375 -16.89 -4.61 -28.10
C ASP B 375 -16.52 -5.50 -29.29
N LEU B 376 -16.64 -4.98 -30.51
CA LEU B 376 -16.27 -5.77 -31.67
C LEU B 376 -14.76 -6.01 -31.74
N ALA B 377 -13.97 -5.00 -31.36
CA ALA B 377 -12.52 -5.17 -31.35
C ALA B 377 -12.10 -6.21 -30.31
N ALA B 378 -12.78 -6.25 -29.17
CA ALA B 378 -12.48 -7.26 -28.16
C ALA B 378 -12.85 -8.65 -28.65
N GLU B 379 -13.90 -8.77 -29.47
CA GLU B 379 -14.26 -10.06 -30.04
C GLU B 379 -13.17 -10.59 -30.95
N ALA B 380 -12.53 -9.69 -31.71
CA ALA B 380 -11.45 -10.12 -32.60
C ALA B 380 -10.24 -10.60 -31.80
N VAL B 381 -9.95 -9.95 -30.67
CA VAL B 381 -8.84 -10.39 -29.82
C VAL B 381 -9.14 -11.76 -29.24
N VAL B 382 -10.40 -12.02 -28.88
CA VAL B 382 -10.77 -13.31 -28.32
C VAL B 382 -10.58 -14.41 -29.35
N LEU B 383 -10.91 -14.13 -30.62
CA LEU B 383 -10.74 -15.12 -31.67
C LEU B 383 -9.28 -15.52 -31.84
N HIS B 384 -8.40 -14.53 -32.00
N HIS B 384 -8.39 -14.53 -32.02
CA HIS B 384 -7.02 -14.84 -32.38
CA HIS B 384 -7.01 -14.84 -32.36
C HIS B 384 -6.26 -15.53 -31.25
C HIS B 384 -6.28 -15.57 -31.25
N TYR B 385 -6.68 -15.34 -29.99
CA TYR B 385 -5.98 -15.89 -28.85
C TYR B 385 -6.73 -17.04 -28.16
N THR B 386 -7.86 -17.47 -28.70
CA THR B 386 -8.56 -18.65 -28.19
C THR B 386 -8.18 -19.86 -29.02
N ASP B 387 -7.74 -20.92 -28.34
CA ASP B 387 -7.57 -22.22 -28.98
C ASP B 387 -8.92 -22.91 -28.95
N TRP B 388 -9.62 -22.90 -30.09
CA TRP B 388 -10.99 -23.39 -30.14
C TRP B 388 -11.09 -24.90 -30.07
N LEU B 389 -9.96 -25.61 -30.01
CA LEU B 389 -10.00 -27.05 -29.73
C LEU B 389 -10.08 -27.31 -28.22
N HIS B 390 -9.57 -26.39 -27.41
CA HIS B 390 -9.71 -26.42 -25.96
C HIS B 390 -10.06 -25.01 -25.48
N PRO B 391 -11.27 -24.53 -25.78
CA PRO B 391 -11.59 -23.12 -25.50
C PRO B 391 -11.78 -22.80 -24.03
N GLU B 392 -11.78 -23.80 -23.14
CA GLU B 392 -11.98 -23.56 -21.71
C GLU B 392 -10.89 -24.14 -20.84
N ASP B 393 -9.75 -24.53 -21.43
CA ASP B 393 -8.63 -25.02 -20.63
C ASP B 393 -8.05 -23.87 -19.83
N PRO B 394 -8.07 -23.92 -18.49
CA PRO B 394 -7.58 -22.78 -17.71
C PRO B 394 -6.11 -22.47 -17.94
N ALA B 395 -5.27 -23.50 -18.09
CA ALA B 395 -3.85 -23.26 -18.31
C ALA B 395 -3.60 -22.56 -19.64
N ARG B 396 -4.39 -22.90 -20.67
CA ARG B 396 -4.23 -22.24 -21.96
C ARG B 396 -4.82 -20.83 -21.97
N LEU B 397 -5.92 -20.62 -21.23
CA LEU B 397 -6.46 -19.27 -21.12
C LEU B 397 -5.53 -18.35 -20.34
N ARG B 398 -4.80 -18.90 -19.37
CA ARG B 398 -3.82 -18.11 -18.63
C ARG B 398 -2.69 -17.66 -19.54
N GLU B 399 -2.13 -18.59 -20.32
CA GLU B 399 -1.08 -18.23 -21.27
C GLU B 399 -1.59 -17.29 -22.35
N ALA B 400 -2.86 -17.43 -22.74
CA ALA B 400 -3.41 -16.59 -23.79
C ALA B 400 -3.47 -15.13 -23.36
N LEU B 401 -4.02 -14.88 -22.17
CA LEU B 401 -4.11 -13.51 -21.69
C LEU B 401 -2.73 -12.91 -21.44
N SER B 402 -1.76 -13.74 -21.03
CA SER B 402 -0.39 -13.27 -20.90
C SER B 402 0.18 -12.84 -22.25
N ASP B 403 -0.13 -13.59 -23.32
CA ASP B 403 0.32 -13.19 -24.65
C ASP B 403 -0.47 -11.99 -25.16
N VAL B 404 -1.73 -11.85 -24.76
CA VAL B 404 -2.53 -10.70 -25.20
C VAL B 404 -1.91 -9.41 -24.71
N VAL B 405 -1.60 -9.34 -23.41
CA VAL B 405 -1.00 -8.14 -22.85
C VAL B 405 0.43 -7.96 -23.37
N GLY B 406 1.17 -9.06 -23.51
CA GLY B 406 2.54 -8.97 -23.98
C GLY B 406 2.65 -8.49 -25.41
N ASP B 407 1.82 -9.04 -26.30
CA ASP B 407 1.89 -8.63 -27.70
C ASP B 407 1.38 -7.21 -27.90
N HIS B 408 0.28 -6.86 -27.24
CA HIS B 408 -0.34 -5.55 -27.46
C HIS B 408 0.54 -4.41 -26.97
N ASN B 409 1.30 -4.62 -25.89
CA ASN B 409 2.04 -3.54 -25.26
C ASN B 409 3.54 -3.55 -25.57
N VAL B 410 4.15 -4.71 -25.76
CA VAL B 410 5.60 -4.79 -25.87
C VAL B 410 6.02 -5.37 -27.22
N VAL B 411 5.68 -6.63 -27.46
CA VAL B 411 6.30 -7.38 -28.55
C VAL B 411 5.97 -6.76 -29.90
N CYS B 412 4.69 -6.49 -30.15
CA CYS B 412 4.28 -6.02 -31.48
C CYS B 412 4.68 -4.57 -31.73
N PRO B 413 4.56 -3.66 -30.75
CA PRO B 413 5.14 -2.32 -30.95
C PRO B 413 6.65 -2.36 -31.17
N VAL B 414 7.35 -3.34 -30.59
CA VAL B 414 8.78 -3.50 -30.84
C VAL B 414 9.02 -4.05 -32.24
N ALA B 415 8.23 -5.05 -32.64
CA ALA B 415 8.43 -5.67 -33.96
C ALA B 415 8.17 -4.66 -35.07
N GLN B 416 7.18 -3.79 -34.90
CA GLN B 416 6.92 -2.77 -35.92
C GLN B 416 8.05 -1.76 -35.98
N LEU B 417 8.56 -1.34 -34.82
CA LEU B 417 9.68 -0.40 -34.80
C LEU B 417 10.91 -0.99 -35.47
N ALA B 418 11.23 -2.26 -35.17
CA ALA B 418 12.39 -2.90 -35.78
C ALA B 418 12.21 -3.06 -37.28
N GLY B 419 10.97 -3.21 -37.75
CA GLY B 419 10.75 -3.35 -39.17
C GLY B 419 10.98 -2.07 -39.94
N ARG B 420 10.44 -0.96 -39.42
CA ARG B 420 10.60 0.32 -40.11
C ARG B 420 12.03 0.84 -40.00
N LEU B 421 12.75 0.49 -38.92
CA LEU B 421 14.13 0.94 -38.78
C LEU B 421 15.03 0.26 -39.81
N ALA B 422 14.91 -1.06 -39.94
CA ALA B 422 15.77 -1.79 -40.87
C ALA B 422 15.46 -1.42 -42.31
N ALA B 423 14.20 -1.15 -42.62
CA ALA B 423 13.78 -0.80 -43.97
C ALA B 423 14.03 0.68 -44.29
N GLN B 424 14.71 1.42 -43.40
CA GLN B 424 14.95 2.84 -43.64
C GLN B 424 16.38 3.24 -43.28
N GLY B 425 17.32 2.29 -43.35
CA GLY B 425 18.74 2.59 -43.26
C GLY B 425 19.42 2.05 -42.02
N ALA B 426 18.68 1.75 -40.96
CA ALA B 426 19.30 1.34 -39.71
C ALA B 426 19.64 -0.14 -39.73
N ARG B 427 20.80 -0.48 -39.16
CA ARG B 427 21.19 -1.87 -38.97
C ARG B 427 20.64 -2.34 -37.63
N VAL B 428 19.69 -3.27 -37.67
CA VAL B 428 18.93 -3.67 -36.49
C VAL B 428 19.26 -5.12 -36.16
N TYR B 429 19.55 -5.38 -34.89
CA TYR B 429 19.70 -6.74 -34.37
C TYR B 429 18.58 -6.99 -33.36
N ALA B 430 18.05 -8.21 -33.35
CA ALA B 430 16.92 -8.55 -32.49
C ALA B 430 17.22 -9.82 -31.70
N TYR B 431 16.65 -9.91 -30.51
CA TYR B 431 16.84 -11.06 -29.63
C TYR B 431 15.54 -11.35 -28.90
N VAL B 432 15.50 -12.53 -28.29
CA VAL B 432 14.40 -12.93 -27.39
C VAL B 432 15.03 -13.64 -26.20
N PHE B 433 14.95 -13.04 -25.03
CA PHE B 433 15.51 -13.61 -23.82
C PHE B 433 14.59 -14.72 -23.31
N GLU B 434 15.13 -15.94 -23.18
CA GLU B 434 14.32 -17.10 -22.86
C GLU B 434 14.84 -17.88 -21.65
N HIS B 435 15.70 -17.28 -20.83
CA HIS B 435 16.24 -17.96 -19.66
C HIS B 435 15.56 -17.43 -18.40
N ARG B 436 15.03 -18.36 -17.60
CA ARG B 436 14.45 -18.02 -16.30
C ARG B 436 15.53 -18.17 -15.23
N ALA B 437 15.77 -17.10 -14.48
CA ALA B 437 16.83 -17.12 -13.48
C ALA B 437 16.51 -18.15 -12.40
N SER B 438 17.56 -18.84 -11.93
CA SER B 438 17.39 -19.86 -10.92
C SER B 438 17.01 -19.28 -9.56
N THR B 439 17.28 -18.00 -9.33
CA THR B 439 16.94 -17.32 -8.08
C THR B 439 15.65 -16.52 -8.18
N LEU B 440 14.86 -16.73 -9.23
CA LEU B 440 13.66 -15.94 -9.44
C LEU B 440 12.60 -16.29 -8.41
N SER B 441 12.05 -15.27 -7.75
CA SER B 441 11.09 -15.47 -6.68
C SER B 441 9.64 -15.48 -7.17
N TRP B 442 9.40 -15.06 -8.41
CA TRP B 442 8.04 -15.09 -8.96
C TRP B 442 7.60 -16.52 -9.23
N PRO B 443 6.29 -16.77 -9.26
CA PRO B 443 5.80 -18.13 -9.49
C PRO B 443 6.25 -18.67 -10.85
N LEU B 444 6.14 -19.99 -11.00
CA LEU B 444 6.68 -20.64 -12.18
C LEU B 444 5.83 -20.40 -13.42
N TRP B 445 4.52 -20.18 -13.25
CA TRP B 445 3.65 -19.99 -14.41
C TRP B 445 3.90 -18.68 -15.14
N MET B 446 4.66 -17.75 -14.54
CA MET B 446 4.99 -16.51 -15.23
C MET B 446 6.14 -16.69 -16.22
N GLY B 447 6.85 -17.81 -16.17
CA GLY B 447 7.91 -18.04 -17.14
C GLY B 447 9.08 -17.08 -16.93
N VAL B 448 9.43 -16.37 -17.99
CA VAL B 448 10.48 -15.35 -17.93
C VAL B 448 9.81 -13.98 -17.91
N PRO B 449 9.56 -13.40 -16.74
CA PRO B 449 8.75 -12.20 -16.66
C PRO B 449 9.49 -10.97 -17.20
N HIS B 450 8.73 -9.89 -17.31
CA HIS B 450 9.26 -8.62 -17.79
C HIS B 450 10.17 -8.00 -16.75
N GLY B 451 11.42 -7.72 -17.13
CA GLY B 451 12.36 -7.03 -16.26
C GLY B 451 13.49 -7.89 -15.73
N TYR B 452 13.48 -9.19 -15.99
CA TYR B 452 14.43 -10.11 -15.39
C TYR B 452 15.48 -10.62 -16.37
N GLU B 453 15.81 -9.80 -17.36
CA GLU B 453 17.03 -9.95 -18.12
C GLU B 453 18.06 -8.90 -17.76
N ILE B 454 17.68 -7.88 -16.99
CA ILE B 454 18.58 -6.79 -16.66
C ILE B 454 19.71 -7.27 -15.76
N GLU B 455 19.40 -8.16 -14.85
CA GLU B 455 20.41 -8.66 -13.96
C GLU B 455 21.49 -9.41 -14.65
N PHE B 456 21.20 -10.00 -15.77
CA PHE B 456 22.21 -10.71 -16.55
C PHE B 456 23.02 -9.79 -17.45
N ILE B 457 22.41 -8.71 -17.93
CA ILE B 457 23.16 -7.74 -18.73
C ILE B 457 24.17 -6.99 -17.87
N PHE B 458 23.85 -6.75 -16.60
CA PHE B 458 24.74 -6.03 -15.70
C PHE B 458 25.69 -6.94 -14.95
N GLY B 459 25.70 -8.25 -15.26
CA GLY B 459 26.63 -9.16 -14.63
C GLY B 459 26.41 -9.38 -13.16
N ILE B 460 25.16 -9.28 -12.69
CA ILE B 460 24.88 -9.50 -11.27
C ILE B 460 25.24 -10.92 -10.83
N PRO B 461 25.04 -11.97 -11.62
CA PRO B 461 25.46 -13.31 -11.15
C PRO B 461 26.93 -13.42 -10.77
N LEU B 462 27.77 -12.48 -11.18
CA LEU B 462 29.17 -12.51 -10.76
C LEU B 462 29.36 -12.11 -9.30
N ASP B 463 28.35 -11.52 -8.68
CA ASP B 463 28.41 -11.18 -7.26
C ASP B 463 28.47 -12.45 -6.43
N PRO B 464 29.51 -12.67 -5.63
CA PRO B 464 29.58 -13.92 -4.85
C PRO B 464 28.47 -14.07 -3.81
N SER B 465 27.97 -12.96 -3.28
CA SER B 465 26.89 -13.02 -2.28
C SER B 465 25.58 -13.53 -2.86
N ARG B 466 25.45 -13.61 -4.17
CA ARG B 466 24.26 -14.13 -4.82
C ARG B 466 24.40 -15.63 -5.03
N ASN B 467 23.26 -16.32 -5.04
CA ASN B 467 23.22 -17.78 -5.15
C ASN B 467 22.95 -18.24 -6.59
N TYR B 468 23.59 -17.64 -7.55
CA TYR B 468 23.36 -18.05 -8.91
C TYR B 468 24.16 -19.30 -9.20
N THR B 469 23.84 -20.00 -10.26
CA THR B 469 24.54 -21.22 -10.64
C THR B 469 25.79 -20.87 -11.47
N ALA B 470 26.61 -21.89 -11.70
CA ALA B 470 27.84 -21.69 -12.45
C ALA B 470 27.56 -21.34 -13.91
N GLU B 471 26.62 -22.07 -14.54
CA GLU B 471 26.31 -21.81 -15.94
C GLU B 471 25.74 -20.42 -16.16
N GLU B 472 25.02 -19.89 -15.17
CA GLU B 472 24.44 -18.55 -15.30
C GLU B 472 25.51 -17.47 -15.28
N LYS B 473 26.65 -17.73 -14.63
CA LYS B 473 27.74 -16.77 -14.64
C LYS B 473 28.38 -16.67 -16.01
N ILE B 474 28.60 -17.81 -16.67
CA ILE B 474 29.12 -17.80 -18.04
C ILE B 474 28.12 -17.12 -18.97
N PHE B 475 26.83 -17.40 -18.78
CA PHE B 475 25.80 -16.76 -19.59
C PHE B 475 25.76 -15.25 -19.36
N ALA B 476 26.04 -14.79 -18.14
CA ALA B 476 26.09 -13.35 -17.89
C ALA B 476 27.27 -12.72 -18.60
N GLN B 477 28.41 -13.42 -18.64
CA GLN B 477 29.57 -12.89 -19.34
C GLN B 477 29.35 -12.86 -20.85
N ARG B 478 28.55 -13.79 -21.38
CA ARG B 478 28.21 -13.75 -22.79
C ARG B 478 27.40 -12.50 -23.13
N LEU B 479 26.36 -12.22 -22.34
CA LEU B 479 25.51 -11.07 -22.62
C LEU B 479 26.27 -9.75 -22.44
N MET B 480 27.14 -9.69 -21.44
CA MET B 480 27.98 -8.49 -21.28
C MET B 480 28.90 -8.32 -22.49
N ARG B 481 29.37 -9.42 -23.07
CA ARG B 481 30.20 -9.33 -24.26
C ARG B 481 29.38 -8.86 -25.46
N TYR B 482 28.17 -9.37 -25.61
CA TYR B 482 27.30 -8.94 -26.71
C TYR B 482 27.01 -7.44 -26.63
N TRP B 483 26.61 -6.98 -25.44
CA TRP B 483 26.26 -5.57 -25.28
C TRP B 483 27.47 -4.66 -25.44
N ALA B 484 28.64 -5.10 -24.97
CA ALA B 484 29.84 -4.29 -25.10
C ALA B 484 30.32 -4.25 -26.55
N ASN B 485 30.28 -5.40 -27.24
CA ASN B 485 30.66 -5.42 -28.65
C ASN B 485 29.77 -4.51 -29.47
N PHE B 486 28.48 -4.44 -29.15
CA PHE B 486 27.59 -3.52 -29.83
C PHE B 486 27.95 -2.07 -29.49
N ALA B 487 28.35 -1.81 -28.26
CA ALA B 487 28.69 -0.45 -27.86
C ALA B 487 29.98 0.02 -28.51
N ARG B 488 30.91 -0.90 -28.76
CA ARG B 488 32.22 -0.63 -29.37
C ARG B 488 32.16 -0.54 -30.89
N THR B 489 31.55 -1.53 -31.54
CA THR B 489 31.60 -1.66 -32.98
C THR B 489 30.27 -1.47 -33.68
N GLY B 490 29.16 -1.46 -32.95
CA GLY B 490 27.85 -1.46 -33.57
C GLY B 490 27.40 -2.81 -34.08
N ASP B 491 28.14 -3.87 -33.77
CA ASP B 491 27.84 -5.24 -34.18
C ASP B 491 28.07 -6.17 -32.99
N PRO B 492 27.03 -6.84 -32.50
CA PRO B 492 27.19 -7.68 -31.30
C PRO B 492 28.08 -8.91 -31.49
N ASN B 493 28.41 -9.26 -32.73
CA ASN B 493 29.21 -10.45 -32.97
C ASN B 493 30.68 -10.19 -32.63
N GLU B 494 31.37 -11.26 -32.26
CA GLU B 494 32.79 -11.17 -31.94
C GLU B 494 33.60 -10.93 -33.22
N PRO B 495 34.42 -9.88 -33.29
CA PRO B 495 35.22 -9.63 -34.49
C PRO B 495 36.43 -10.53 -34.63
N ARG B 496 36.67 -11.44 -33.67
CA ARG B 496 37.83 -12.31 -33.71
C ARG B 496 37.48 -13.79 -33.64
N ASP B 497 36.21 -14.14 -33.37
CA ASP B 497 35.81 -15.53 -33.15
C ASP B 497 34.82 -15.95 -34.23
N PRO B 498 35.27 -16.57 -35.32
CA PRO B 498 34.35 -17.13 -36.31
C PRO B 498 33.80 -18.50 -35.95
N LYS B 499 34.13 -19.03 -34.78
CA LYS B 499 33.66 -20.36 -34.38
C LYS B 499 32.26 -20.31 -33.81
N ALA B 500 31.96 -19.29 -33.00
CA ALA B 500 30.64 -19.16 -32.42
C ALA B 500 29.61 -18.80 -33.49
N PRO B 501 28.35 -19.21 -33.31
CA PRO B 501 27.32 -18.88 -34.31
C PRO B 501 27.11 -17.38 -34.42
N GLN B 502 26.86 -16.92 -35.65
CA GLN B 502 26.75 -15.49 -35.91
C GLN B 502 25.34 -14.99 -35.61
N TRP B 503 25.26 -13.71 -35.27
CA TRP B 503 24.00 -13.04 -34.98
C TRP B 503 23.60 -12.22 -36.20
N PRO B 504 22.69 -12.70 -37.05
CA PRO B 504 22.37 -11.98 -38.28
C PRO B 504 21.49 -10.77 -38.01
N PRO B 505 21.61 -9.73 -38.81
CA PRO B 505 20.75 -8.54 -38.62
C PRO B 505 19.29 -8.86 -38.87
N TYR B 506 18.43 -8.00 -38.34
CA TYR B 506 16.99 -8.12 -38.52
C TYR B 506 16.57 -7.27 -39.72
N THR B 507 15.94 -7.89 -40.71
CA THR B 507 15.44 -7.20 -41.88
C THR B 507 13.92 -7.34 -41.95
N ALA B 508 13.29 -6.43 -42.69
CA ALA B 508 11.84 -6.43 -42.80
C ALA B 508 11.32 -7.67 -43.54
N GLY B 509 12.15 -8.32 -44.34
CA GLY B 509 11.73 -9.49 -45.08
C GLY B 509 12.04 -10.80 -44.39
N ALA B 510 13.32 -11.00 -44.03
CA ALA B 510 13.71 -12.26 -43.38
C ALA B 510 13.22 -12.31 -41.95
N GLN B 511 13.26 -11.18 -41.24
CA GLN B 511 12.78 -11.08 -39.86
C GLN B 511 13.50 -12.07 -38.94
N GLN B 512 14.83 -12.03 -38.98
CA GLN B 512 15.65 -12.97 -38.23
C GLN B 512 16.03 -12.40 -36.86
N TYR B 513 15.98 -13.27 -35.86
CA TYR B 513 16.40 -12.94 -34.50
C TYR B 513 17.03 -14.17 -33.88
N VAL B 514 17.62 -14.00 -32.70
CA VAL B 514 18.27 -15.09 -31.99
C VAL B 514 17.66 -15.21 -30.59
N SER B 515 17.78 -16.41 -30.02
CA SER B 515 17.31 -16.68 -28.68
C SER B 515 18.49 -16.66 -27.72
N LEU B 516 18.28 -16.06 -26.54
CA LEU B 516 19.32 -15.93 -25.53
C LEU B 516 18.96 -16.81 -24.34
N ASP B 517 19.73 -17.88 -24.16
CA ASP B 517 19.58 -18.77 -23.01
C ASP B 517 20.91 -19.46 -22.76
N LEU B 518 20.90 -20.50 -21.93
CA LEU B 518 22.14 -21.21 -21.62
C LEU B 518 22.70 -21.94 -22.83
N ARG B 519 21.84 -22.30 -23.78
CA ARG B 519 22.28 -22.93 -25.02
C ARG B 519 22.90 -21.88 -25.95
N PRO B 520 23.75 -22.30 -26.88
CA PRO B 520 24.34 -21.35 -27.82
C PRO B 520 23.28 -20.66 -28.67
N LEU B 521 23.73 -19.67 -29.45
CA LEU B 521 22.82 -18.88 -30.25
C LEU B 521 22.05 -19.75 -31.25
N GLU B 522 20.78 -19.41 -31.46
CA GLU B 522 19.92 -20.12 -32.39
C GLU B 522 19.09 -19.10 -33.13
N VAL B 523 19.26 -19.04 -34.45
CA VAL B 523 18.56 -18.05 -35.26
C VAL B 523 17.14 -18.53 -35.56
N ARG B 524 16.17 -17.64 -35.38
CA ARG B 524 14.77 -17.92 -35.68
C ARG B 524 14.25 -16.82 -36.59
N ARG B 525 12.99 -16.98 -37.02
CA ARG B 525 12.37 -16.02 -37.92
C ARG B 525 10.96 -15.71 -37.45
N GLY B 526 10.62 -14.42 -37.41
CA GLY B 526 9.28 -14.01 -37.04
C GLY B 526 9.12 -13.65 -35.57
N LEU B 527 9.08 -12.34 -35.28
CA LEU B 527 8.79 -11.86 -33.94
C LEU B 527 7.27 -11.83 -33.75
N ARG B 528 6.71 -13.01 -33.52
CA ARG B 528 5.26 -13.20 -33.40
C ARG B 528 4.55 -12.63 -34.63
N ALA B 529 4.99 -13.09 -35.80
CA ALA B 529 4.54 -12.48 -37.05
C ALA B 529 3.04 -12.62 -37.26
N GLN B 530 2.49 -13.79 -36.94
CA GLN B 530 1.06 -14.00 -37.14
C GLN B 530 0.24 -13.19 -36.14
N ALA B 531 0.68 -13.15 -34.88
CA ALA B 531 -0.07 -12.42 -33.85
C ALA B 531 0.05 -10.92 -34.04
N CYS B 532 1.23 -10.43 -34.42
CA CYS B 532 1.43 -8.99 -34.55
C CYS B 532 0.82 -8.42 -35.82
N ALA B 533 0.54 -9.26 -36.82
CA ALA B 533 -0.20 -8.79 -37.99
C ALA B 533 -1.61 -8.38 -37.61
N PHE B 534 -2.18 -8.99 -36.56
CA PHE B 534 -3.48 -8.57 -36.07
C PHE B 534 -3.42 -7.21 -35.40
N TRP B 535 -2.36 -6.96 -34.62
CA TRP B 535 -2.28 -5.71 -33.86
C TRP B 535 -1.83 -4.54 -34.73
N ASN B 536 -0.83 -4.77 -35.60
CA ASN B 536 -0.23 -3.71 -36.39
C ASN B 536 -0.98 -3.41 -37.67
N ARG B 537 -1.67 -4.39 -38.25
CA ARG B 537 -2.34 -4.19 -39.54
C ARG B 537 -3.85 -4.16 -39.42
N PHE B 538 -4.47 -5.18 -38.85
CA PHE B 538 -5.92 -5.32 -38.92
C PHE B 538 -6.64 -4.47 -37.89
N LEU B 539 -6.19 -4.51 -36.63
CA LEU B 539 -6.89 -3.80 -35.57
C LEU B 539 -7.01 -2.30 -35.82
N PRO B 540 -6.00 -1.59 -36.35
CA PRO B 540 -6.23 -0.17 -36.68
C PRO B 540 -7.36 0.05 -37.65
N LYS B 541 -7.52 -0.83 -38.65
CA LYS B 541 -8.62 -0.70 -39.60
C LYS B 541 -9.95 -1.07 -38.96
N LEU B 542 -9.94 -1.98 -37.98
CA LEU B 542 -11.18 -2.34 -37.30
C LEU B 542 -11.68 -1.20 -36.43
N LEU B 543 -10.79 -0.34 -35.94
CA LEU B 543 -11.18 0.80 -35.14
C LEU B 543 -11.50 2.02 -35.97
N SER B 544 -11.04 2.09 -37.22
CA SER B 544 -11.39 3.20 -38.09
C SER B 544 -12.85 3.15 -38.51
N ALA B 545 -13.40 1.95 -38.69
CA ALA B 545 -14.80 1.78 -39.02
C ALA B 545 -15.66 1.54 -37.78
N THR B 546 -15.13 1.79 -36.58
CA THR B 546 -15.84 1.60 -35.32
C THR B 546 -16.40 0.19 -35.18
P1 VX C . -13.60 -0.05 14.43
O1 VX C . -12.53 -0.96 14.98
O2 VX C . -12.92 1.04 13.41
C1 VX C . -14.87 -1.06 13.51
C2 VX C . -11.57 0.90 13.07
C3 VX C . -11.44 0.51 11.61
CAI LND D . -7.89 -1.90 2.26
CAF LND D . -7.13 -2.25 1.17
CAQ LND D . -7.76 -2.51 -0.04
CAP LND D . -6.93 -2.89 -1.23
OAB LND D . -7.44 -2.90 -2.35
NAA LND D . -5.66 -3.22 -0.98
CAG LND D . -9.15 -2.41 -0.12
CAJ LND D . -9.85 -2.07 1.01
NAT LND D . -9.23 -1.82 2.17
CAM LND D . -10.04 -1.45 3.35
CAK LND D . -9.50 -0.26 4.13
CAL LND D . -10.06 -0.22 5.57
NAS LND D . -11.44 0.26 5.70
CAH LND D . -12.42 0.16 4.74
CAE LND D . -13.54 0.73 5.27
NAO LND D . -13.28 1.17 6.54
CAR LND D . -12.01 0.88 6.78
CAD LND D . -11.30 1.18 8.01
NAN LND D . -10.30 1.99 8.02
OAC LND D . -9.70 2.18 9.25
P1 VX E . -9.47 2.93 15.34
O1 VX E . -10.83 2.48 15.83
O2 VX E . -9.52 3.23 13.73
C1 VX E . -8.22 1.59 15.69
C2 VX E . -8.42 3.85 13.12
C3 VX E . -7.73 2.85 12.18
O3 VX E . -9.08 4.19 16.08
P1 VX F . 7.94 -0.61 -18.16
O1 VX F . 8.73 0.60 -17.72
O2 VX F . 7.62 -1.55 -16.84
C1 VX F . 6.35 -0.04 -18.94
C2 VX F . 6.45 -1.28 -16.11
C3 VX F . 6.78 -1.16 -14.63
CAI LND G . -1.42 0.73 -8.14
CAF LND G . -2.25 1.00 -7.08
CAQ LND G . -3.62 1.13 -7.30
CAP LND G . -4.51 1.43 -6.14
OAB LND G . -4.28 2.41 -5.42
NAA LND G . -5.52 0.59 -5.93
CAG LND G . -4.10 0.97 -8.58
CAJ LND G . -3.24 0.70 -9.61
NAT LND G . -1.93 0.58 -9.38
CAM LND G . -1.01 0.28 -10.50
CAK LND G . -0.06 -0.86 -10.16
CAL LND G . 1.03 -1.02 -11.22
NAS LND G . 0.51 -1.47 -12.50
CAH LND G . -0.81 -1.38 -12.86
CAE LND G . -0.90 -1.89 -14.13
NAO LND G . 0.33 -2.30 -14.56
CAR LND G . 1.17 -2.03 -13.56
CAD LND G . 2.60 -2.28 -13.55
NAN LND G . 3.21 -2.54 -12.46
OAC LND G . 4.58 -2.76 -12.57
P1 VX H . 10.49 -2.91 -14.42
O1 VX H . 11.36 -4.12 -14.21
O2 VX H . 9.83 -2.44 -12.98
C1 VX H . 11.48 -1.51 -15.13
C2 VX H . 9.00 -3.32 -12.30
C3 VX H . 8.00 -2.53 -11.45
O3 VX H . 9.38 -3.24 -15.38
#